data_7MRM
#
_entry.id   7MRM
#
_cell.length_a   69.669
_cell.length_b   94.500
_cell.length_c   174.149
_cell.angle_alpha   90.000
_cell.angle_beta   90.000
_cell.angle_gamma   90.000
#
_symmetry.space_group_name_H-M   'P 21 21 21'
#
loop_
_entity.id
_entity.type
_entity.pdbx_description
1 polymer 'Fusion protein of Chicken CNTN3 FN1-FN2 domains and Amyloid-beta A4 protein,Amyloid-beta A4 protein'
2 non-polymer 'SULFATE ION'
3 water water
#
_entity_poly.entity_id   1
_entity_poly.type   'polypeptide(L)'
_entity_poly.pdbx_seq_one_letter_code
;GPGSPGPPEHVRVDEITDTTAQISWQEGTDNHSPVTAYTIQARTPFSVGWQRVTTVPDVIDGNTFTTTVVDLNPWVEYEF
RVVASNKIGGGEPSLPSEKVRTEEAVPEIPPAEVSGGGGSRSELVITWDPIPEELQNGEGFGYVVAFRPFGTTTWIQTVV
TSPDTPRYVFRNESILPFSPYEVKVGVYNNKGEGPFSSITTVFSAEGGGSGGGSEVPADGNAGLLAEPQIAMFCGKLNMH
MNVQNGKWESDPSGTKTCIDTKEGILQYCQEVYPELQITNVVEANQPVTIQNWCKRGWKQCNGHPHIVVPYRCLVGEFVS
DALLVPDKCKLLHQERMDVCETHLHWHTVAKESCSEKSMNLHDYGMLLPCGIDKFRGVEFVCCPLAEESDNLDSAAA
;
_entity_poly.pdbx_strand_id   B,A
#
# COMPACT_ATOMS: atom_id res chain seq x y z
N GLY A 3 -27.73 -32.56 -1.54
CA GLY A 3 -27.45 -31.39 -2.35
C GLY A 3 -26.86 -30.23 -1.56
N SER A 4 -26.52 -29.16 -2.27
CA SER A 4 -26.00 -27.96 -1.64
C SER A 4 -27.09 -27.29 -0.80
N PRO A 5 -26.70 -26.46 0.18
CA PRO A 5 -27.70 -25.86 1.07
C PRO A 5 -28.59 -24.87 0.33
N GLY A 6 -29.72 -24.58 0.95
CA GLY A 6 -30.62 -23.57 0.44
C GLY A 6 -30.20 -22.17 0.85
N PRO A 7 -30.89 -21.18 0.32
CA PRO A 7 -30.52 -19.78 0.60
C PRO A 7 -30.91 -19.39 2.00
N PRO A 8 -30.03 -18.70 2.72
CA PRO A 8 -30.40 -18.20 4.05
C PRO A 8 -31.48 -17.13 3.96
N GLU A 9 -32.17 -16.93 5.09
CA GLU A 9 -33.26 -15.98 5.19
C GLU A 9 -32.94 -14.93 6.24
N HIS A 10 -33.85 -13.94 6.33
CA HIS A 10 -33.86 -12.98 7.44
C HIS A 10 -32.53 -12.24 7.57
N VAL A 11 -32.00 -11.79 6.43
CA VAL A 11 -30.72 -11.08 6.41
C VAL A 11 -30.93 -9.65 6.90
N ARG A 12 -30.19 -9.27 7.92
CA ARG A 12 -30.29 -7.94 8.52
C ARG A 12 -28.92 -7.30 8.62
N VAL A 13 -28.86 -5.99 8.36
CA VAL A 13 -27.63 -5.22 8.42
C VAL A 13 -27.80 -4.13 9.47
N ASP A 14 -26.97 -4.16 10.50
CA ASP A 14 -27.02 -3.21 11.61
C ASP A 14 -25.62 -2.70 11.90
N GLU A 15 -25.53 -1.76 12.86
CA GLU A 15 -24.25 -1.24 13.35
C GLU A 15 -23.36 -0.76 12.19
N ILE A 16 -23.92 0.11 11.36
CA ILE A 16 -23.21 0.61 10.19
C ILE A 16 -22.31 1.77 10.62
N THR A 17 -21.00 1.61 10.40
CA THR A 17 -20.06 2.68 10.63
C THR A 17 -19.43 3.09 9.31
N ASP A 18 -18.21 3.63 9.35
CA ASP A 18 -17.53 3.99 8.11
C ASP A 18 -16.85 2.80 7.46
N THR A 19 -16.45 1.80 8.24
CA THR A 19 -15.83 0.60 7.71
C THR A 19 -16.44 -0.69 8.26
N THR A 20 -17.44 -0.60 9.13
CA THR A 20 -17.99 -1.73 9.85
C THR A 20 -19.48 -1.87 9.57
N ALA A 21 -19.95 -3.12 9.50
CA ALA A 21 -21.37 -3.41 9.43
C ALA A 21 -21.61 -4.76 10.09
N GLN A 22 -22.66 -4.84 10.91
CA GLN A 22 -23.04 -6.07 11.58
C GLN A 22 -24.09 -6.78 10.74
N ILE A 23 -23.80 -8.02 10.33
CA ILE A 23 -24.70 -8.82 9.51
C ILE A 23 -25.22 -9.99 10.35
N SER A 24 -26.50 -10.32 10.17
CA SER A 24 -27.11 -11.47 10.80
C SER A 24 -28.10 -12.09 9.83
N TRP A 25 -28.34 -13.39 9.98
CA TRP A 25 -29.17 -14.13 9.03
C TRP A 25 -29.82 -15.31 9.74
N GLN A 26 -30.63 -16.05 8.98
CA GLN A 26 -31.30 -17.25 9.46
C GLN A 26 -31.04 -18.39 8.50
N GLU A 27 -30.88 -19.59 9.04
CA GLU A 27 -30.56 -20.76 8.23
C GLU A 27 -31.77 -21.20 7.40
N GLY A 28 -31.48 -21.71 6.21
CA GLY A 28 -32.48 -22.33 5.37
C GLY A 28 -32.56 -23.82 5.59
N THR A 29 -32.81 -24.55 4.50
CA THR A 29 -32.80 -26.01 4.55
C THR A 29 -31.43 -26.52 4.12
N ASP A 30 -30.84 -27.37 4.96
CA ASP A 30 -29.51 -27.90 4.68
C ASP A 30 -29.51 -29.03 3.67
N ASN A 31 -30.69 -29.44 3.18
CA ASN A 31 -30.81 -30.55 2.22
C ASN A 31 -30.16 -31.82 2.76
N HIS A 32 -30.47 -32.13 4.02
CA HIS A 32 -30.07 -33.36 4.72
C HIS A 32 -28.57 -33.49 4.92
N SER A 33 -27.81 -32.41 4.72
CA SER A 33 -26.39 -32.39 5.02
C SER A 33 -26.06 -31.09 5.74
N PRO A 34 -25.56 -31.16 6.98
CA PRO A 34 -25.49 -29.96 7.81
C PRO A 34 -24.58 -28.88 7.22
N VAL A 35 -25.02 -27.64 7.38
CA VAL A 35 -24.24 -26.49 6.91
C VAL A 35 -22.98 -26.37 7.76
N THR A 36 -21.83 -26.22 7.11
CA THR A 36 -20.55 -26.19 7.80
C THR A 36 -19.88 -24.82 7.80
N ALA A 37 -20.32 -23.89 6.96
CA ALA A 37 -19.68 -22.58 6.90
C ALA A 37 -20.63 -21.58 6.26
N TYR A 38 -20.41 -20.31 6.58
CA TYR A 38 -21.15 -19.20 6.00
C TYR A 38 -20.16 -18.18 5.43
N THR A 39 -20.49 -17.64 4.26
CA THR A 39 -19.68 -16.65 3.59
C THR A 39 -20.52 -15.40 3.33
N ILE A 40 -19.94 -14.23 3.57
CA ILE A 40 -20.61 -12.96 3.34
C ILE A 40 -20.07 -12.34 2.06
N GLN A 41 -20.97 -11.80 1.25
CA GLN A 41 -20.61 -11.15 -0.01
C GLN A 41 -21.27 -9.78 -0.09
N ALA A 42 -20.64 -8.87 -0.81
CA ALA A 42 -21.17 -7.52 -0.95
C ALA A 42 -21.08 -7.09 -2.40
N ARG A 43 -21.95 -6.14 -2.75
CA ARG A 43 -21.96 -5.54 -4.08
C ARG A 43 -22.06 -4.03 -3.90
N THR A 44 -21.26 -3.29 -4.68
CA THR A 44 -21.19 -1.85 -4.65
C THR A 44 -21.27 -1.32 -6.07
N PRO A 45 -21.52 -0.02 -6.24
CA PRO A 45 -21.43 0.57 -7.59
C PRO A 45 -20.05 0.46 -8.21
N PHE A 46 -19.03 0.11 -7.43
CA PHE A 46 -17.65 0.04 -7.92
C PHE A 46 -17.11 -1.38 -8.00
N SER A 47 -17.63 -2.30 -7.20
CA SER A 47 -17.18 -3.68 -7.27
C SER A 47 -17.73 -4.36 -8.51
N VAL A 48 -16.95 -5.30 -9.05
CA VAL A 48 -17.37 -6.05 -10.24
C VAL A 48 -18.26 -7.20 -9.80
N GLY A 49 -19.55 -6.93 -9.61
CA GLY A 49 -20.47 -7.95 -9.16
C GLY A 49 -20.34 -8.21 -7.67
N TRP A 50 -20.72 -9.42 -7.26
CA TRP A 50 -20.62 -9.82 -5.87
C TRP A 50 -19.21 -10.27 -5.53
N GLN A 51 -18.68 -9.78 -4.41
CA GLN A 51 -17.34 -10.12 -3.96
C GLN A 51 -17.39 -10.50 -2.49
N ARG A 52 -16.51 -11.43 -2.11
CA ARG A 52 -16.40 -11.83 -0.71
C ARG A 52 -15.86 -10.67 0.12
N VAL A 53 -16.36 -10.55 1.35
CA VAL A 53 -15.93 -9.50 2.26
C VAL A 53 -15.34 -10.13 3.50
N THR A 54 -14.40 -9.42 4.12
CA THR A 54 -13.73 -9.91 5.31
C THR A 54 -14.61 -9.66 6.53
N THR A 55 -14.62 -10.63 7.44
CA THR A 55 -15.32 -10.52 8.70
C THR A 55 -14.33 -10.66 9.86
N VAL A 56 -14.80 -10.37 11.06
CA VAL A 56 -14.00 -10.55 12.27
C VAL A 56 -14.82 -11.40 13.24
N PRO A 57 -14.43 -12.67 13.46
CA PRO A 57 -13.34 -13.32 12.74
C PRO A 57 -13.73 -13.69 11.31
N ASP A 58 -12.73 -13.90 10.44
CA ASP A 58 -12.98 -14.24 9.05
C ASP A 58 -13.35 -15.71 8.87
N VAL A 59 -13.62 -16.43 9.95
CA VAL A 59 -14.13 -17.80 9.90
C VAL A 59 -15.50 -17.82 10.55
N ILE A 60 -16.48 -18.39 9.87
CA ILE A 60 -17.86 -18.43 10.32
C ILE A 60 -18.35 -19.86 10.17
N ASP A 61 -18.53 -20.56 11.29
CA ASP A 61 -18.96 -21.96 11.24
C ASP A 61 -20.47 -22.05 11.04
N GLY A 62 -20.97 -23.28 10.99
CA GLY A 62 -22.35 -23.54 10.66
C GLY A 62 -23.37 -23.26 11.74
N ASN A 63 -22.92 -22.92 12.95
CA ASN A 63 -23.81 -22.55 14.04
C ASN A 63 -23.63 -21.11 14.48
N THR A 64 -23.09 -20.27 13.59
CA THR A 64 -22.98 -18.84 13.82
C THR A 64 -23.89 -18.12 12.84
N PHE A 65 -24.70 -17.18 13.35
CA PHE A 65 -25.67 -16.48 12.51
C PHE A 65 -25.55 -14.97 12.62
N THR A 66 -24.39 -14.47 13.07
CA THR A 66 -24.08 -13.06 13.06
C THR A 66 -22.57 -12.89 12.95
N THR A 67 -22.14 -11.84 12.26
CA THR A 67 -20.72 -11.55 12.13
C THR A 67 -20.55 -10.07 11.87
N THR A 68 -19.31 -9.60 12.00
CA THR A 68 -18.98 -8.19 11.82
C THR A 68 -18.14 -8.06 10.56
N VAL A 69 -18.70 -7.39 9.55
CA VAL A 69 -17.98 -7.12 8.30
C VAL A 69 -17.07 -5.92 8.51
N VAL A 70 -15.84 -6.01 8.01
CA VAL A 70 -14.83 -5.00 8.23
C VAL A 70 -14.21 -4.61 6.89
N ASP A 71 -13.27 -3.65 6.95
CA ASP A 71 -12.53 -3.17 5.79
C ASP A 71 -13.45 -2.64 4.68
N LEU A 72 -14.56 -2.04 5.06
CA LEU A 72 -15.45 -1.44 4.08
C LEU A 72 -14.97 -0.05 3.68
N ASN A 73 -15.45 0.41 2.52
CA ASN A 73 -15.09 1.72 2.00
C ASN A 73 -16.05 2.76 2.53
N PRO A 74 -15.58 3.80 3.22
CA PRO A 74 -16.51 4.79 3.78
C PRO A 74 -17.25 5.55 2.68
N TRP A 75 -18.53 5.80 2.94
CA TRP A 75 -19.42 6.57 2.07
C TRP A 75 -19.65 5.87 0.73
N VAL A 76 -20.01 4.58 0.81
CA VAL A 76 -20.27 3.76 -0.36
C VAL A 76 -21.54 2.94 -0.10
N GLU A 77 -22.39 2.84 -1.13
CA GLU A 77 -23.62 2.05 -1.03
C GLU A 77 -23.29 0.56 -1.12
N TYR A 78 -23.73 -0.20 -0.11
CA TYR A 78 -23.43 -1.62 0.00
C TYR A 78 -24.71 -2.47 0.01
N GLU A 79 -24.64 -3.60 -0.67
CA GLU A 79 -25.64 -4.67 -0.58
C GLU A 79 -24.95 -5.93 -0.08
N PHE A 80 -25.59 -6.64 0.84
CA PHE A 80 -25.00 -7.83 1.43
C PHE A 80 -25.87 -9.05 1.19
N ARG A 81 -25.21 -10.20 1.07
CA ARG A 81 -25.89 -11.49 0.98
C ARG A 81 -25.04 -12.55 1.64
N VAL A 82 -25.69 -13.62 2.09
CA VAL A 82 -25.04 -14.70 2.81
C VAL A 82 -25.16 -15.97 2.00
N VAL A 83 -24.08 -16.74 1.95
CA VAL A 83 -24.03 -18.02 1.24
C VAL A 83 -23.63 -19.10 2.23
N ALA A 84 -24.42 -20.18 2.26
CA ALA A 84 -24.12 -21.34 3.08
C ALA A 84 -23.37 -22.40 2.29
N SER A 85 -22.70 -23.29 3.02
CA SER A 85 -21.89 -24.35 2.42
C SER A 85 -22.11 -25.64 3.19
N ASN A 86 -21.93 -26.76 2.49
CA ASN A 86 -21.95 -28.06 3.15
C ASN A 86 -21.03 -29.00 2.37
N LYS A 87 -21.19 -30.31 2.60
CA LYS A 87 -20.30 -31.29 1.99
C LYS A 87 -20.41 -31.29 0.47
N ILE A 88 -21.56 -30.88 -0.07
CA ILE A 88 -21.73 -30.90 -1.52
C ILE A 88 -21.07 -29.69 -2.17
N GLY A 89 -21.23 -28.51 -1.59
CA GLY A 89 -20.58 -27.33 -2.10
C GLY A 89 -21.27 -26.08 -1.60
N GLY A 90 -20.98 -24.97 -2.26
CA GLY A 90 -21.64 -23.71 -1.94
C GLY A 90 -23.11 -23.75 -2.30
N GLY A 91 -23.93 -23.12 -1.45
CA GLY A 91 -25.36 -23.13 -1.63
C GLY A 91 -25.86 -21.95 -2.44
N GLU A 92 -27.17 -21.87 -2.53
CA GLU A 92 -27.80 -20.74 -3.22
C GLU A 92 -27.64 -19.48 -2.38
N PRO A 93 -27.19 -18.37 -2.96
CA PRO A 93 -27.06 -17.13 -2.17
C PRO A 93 -28.43 -16.63 -1.73
N SER A 94 -28.44 -15.98 -0.57
CA SER A 94 -29.66 -15.40 -0.05
C SER A 94 -30.10 -14.21 -0.90
N LEU A 95 -31.31 -13.75 -0.65
CA LEU A 95 -31.73 -12.47 -1.24
C LEU A 95 -30.83 -11.37 -0.69
N PRO A 96 -30.47 -10.39 -1.52
CA PRO A 96 -29.62 -9.31 -1.03
C PRO A 96 -30.34 -8.45 0.00
N SER A 97 -29.55 -7.90 0.92
CA SER A 97 -30.11 -7.03 1.94
C SER A 97 -30.48 -5.67 1.34
N GLU A 98 -31.06 -4.81 2.16
CA GLU A 98 -31.36 -3.45 1.73
C GLU A 98 -30.06 -2.69 1.48
N LYS A 99 -30.10 -1.78 0.51
CA LYS A 99 -28.94 -0.96 0.22
C LYS A 99 -28.65 -0.02 1.39
N VAL A 100 -27.41 -0.05 1.88
CA VAL A 100 -26.98 0.82 2.97
C VAL A 100 -25.70 1.53 2.56
N ARG A 101 -25.54 2.75 3.04
CA ARG A 101 -24.34 3.53 2.79
C ARG A 101 -23.51 3.59 4.06
N THR A 102 -22.21 3.31 3.92
CA THR A 102 -21.31 3.46 5.05
C THR A 102 -21.15 4.93 5.41
N GLU A 103 -20.88 5.18 6.69
CA GLU A 103 -20.69 6.54 7.16
C GLU A 103 -19.45 7.16 6.53
N GLU A 104 -19.41 8.49 6.56
CA GLU A 104 -18.29 9.22 5.98
C GLU A 104 -17.06 9.12 6.88
N ALA A 105 -15.91 9.45 6.28
CA ALA A 105 -14.64 9.48 7.00
C ALA A 105 -13.68 10.34 6.21
N VAL A 106 -12.57 10.71 6.85
CA VAL A 106 -11.56 11.52 6.18
C VAL A 106 -10.99 10.71 5.02
N PRO A 107 -10.62 11.35 3.91
CA PRO A 107 -10.04 10.61 2.79
C PRO A 107 -8.66 10.08 3.15
N GLU A 108 -8.34 8.90 2.63
CA GLU A 108 -7.10 8.21 2.96
C GLU A 108 -6.07 8.21 1.84
N ILE A 109 -6.47 8.51 0.61
CA ILE A 109 -5.63 8.30 -0.56
C ILE A 109 -5.27 9.66 -1.16
N PRO A 110 -4.03 10.11 -1.05
CA PRO A 110 -3.63 11.34 -1.72
C PRO A 110 -3.47 11.11 -3.21
N PRO A 111 -3.48 12.18 -4.02
CA PRO A 111 -3.37 11.99 -5.47
C PRO A 111 -2.01 11.43 -5.85
N ALA A 112 -2.03 10.45 -6.75
CA ALA A 112 -0.79 9.97 -7.34
C ALA A 112 -0.46 10.79 -8.57
N GLU A 113 0.75 10.59 -9.08
CA GLU A 113 1.21 11.25 -10.31
C GLU A 113 1.17 12.77 -10.17
N VAL A 114 1.61 13.28 -9.01
CA VAL A 114 1.81 14.70 -8.85
C VAL A 114 3.02 15.13 -9.68
N SER A 115 2.87 16.21 -10.44
CA SER A 115 3.92 16.65 -11.34
C SER A 115 3.62 18.10 -11.73
N GLY A 116 4.20 18.55 -12.84
CA GLY A 116 3.95 19.90 -13.31
C GLY A 116 4.95 20.28 -14.38
N GLY A 117 5.10 21.59 -14.59
CA GLY A 117 6.07 22.09 -15.53
C GLY A 117 5.47 22.89 -16.66
N GLY A 118 6.27 23.74 -17.31
CA GLY A 118 5.79 24.55 -18.40
C GLY A 118 5.10 25.82 -17.93
N GLY A 119 4.53 26.52 -18.90
CA GLY A 119 3.76 27.73 -18.64
C GLY A 119 4.41 28.96 -19.22
N SER A 120 3.82 30.11 -18.89
CA SER A 120 4.34 31.40 -19.31
C SER A 120 5.31 31.93 -18.26
N ARG A 121 5.91 33.09 -18.53
CA ARG A 121 6.89 33.65 -17.61
C ARG A 121 6.26 33.96 -16.27
N SER A 122 7.03 33.77 -15.20
CA SER A 122 6.57 33.97 -13.83
C SER A 122 5.37 33.09 -13.50
N GLU A 123 5.43 31.82 -13.91
CA GLU A 123 4.35 30.87 -13.62
C GLU A 123 4.94 29.54 -13.18
N LEU A 124 4.18 28.83 -12.35
CA LEU A 124 4.54 27.50 -11.87
C LEU A 124 3.32 26.61 -12.04
N VAL A 125 3.37 25.70 -13.01
CA VAL A 125 2.24 24.83 -13.33
C VAL A 125 2.35 23.56 -12.51
N ILE A 126 1.26 23.18 -11.85
CA ILE A 126 1.22 21.99 -11.00
C ILE A 126 0.04 21.13 -11.43
N THR A 127 0.28 19.85 -11.64
CA THR A 127 -0.76 18.91 -12.05
C THR A 127 -0.74 17.69 -11.14
N TRP A 128 -1.83 16.93 -11.22
CA TRP A 128 -1.96 15.68 -10.47
C TRP A 128 -3.17 14.93 -11.02
N ASP A 129 -3.25 13.65 -10.66
CA ASP A 129 -4.37 12.82 -11.08
C ASP A 129 -5.53 12.97 -10.10
N PRO A 130 -6.72 13.38 -10.55
CA PRO A 130 -7.83 13.56 -9.61
C PRO A 130 -8.24 12.25 -8.96
N ILE A 131 -8.77 12.37 -7.74
CA ILE A 131 -9.19 11.22 -6.95
C ILE A 131 -10.61 10.87 -7.37
N PRO A 132 -10.87 9.64 -7.83
CA PRO A 132 -12.23 9.25 -8.20
C PRO A 132 -13.14 9.22 -6.99
N GLU A 133 -14.45 9.21 -7.27
CA GLU A 133 -15.46 9.25 -6.21
C GLU A 133 -15.31 8.09 -5.24
N GLU A 134 -14.85 6.93 -5.73
CA GLU A 134 -14.71 5.75 -4.88
C GLU A 134 -13.78 6.00 -3.70
N LEU A 135 -12.80 6.89 -3.85
CA LEU A 135 -11.80 7.11 -2.82
C LEU A 135 -11.95 8.45 -2.10
N GLN A 136 -13.10 9.12 -2.24
CA GLN A 136 -13.27 10.42 -1.63
C GLN A 136 -13.83 10.36 -0.21
N ASN A 137 -14.53 9.28 0.13
CA ASN A 137 -14.95 8.95 1.50
C ASN A 137 -15.93 9.97 2.10
N GLY A 138 -16.47 10.88 1.31
CA GLY A 138 -17.47 11.80 1.84
C GLY A 138 -17.71 12.96 0.89
N GLU A 139 -18.72 13.75 1.25
CA GLU A 139 -19.08 14.94 0.50
C GLU A 139 -18.09 16.07 0.79
N GLY A 140 -18.06 17.05 -0.11
CA GLY A 140 -17.15 18.17 0.06
C GLY A 140 -15.69 17.83 -0.12
N PHE A 141 -15.39 16.80 -0.90
CA PHE A 141 -14.00 16.42 -1.15
C PHE A 141 -13.28 17.52 -1.93
N GLY A 142 -12.02 17.74 -1.59
CA GLY A 142 -11.23 18.73 -2.29
C GLY A 142 -9.75 18.49 -2.07
N TYR A 143 -8.94 19.37 -2.65
CA TYR A 143 -7.49 19.26 -2.60
C TYR A 143 -6.88 20.47 -1.91
N VAL A 144 -5.72 20.24 -1.29
CA VAL A 144 -4.85 21.30 -0.81
C VAL A 144 -3.53 21.17 -1.55
N VAL A 145 -3.18 22.20 -2.31
CA VAL A 145 -1.95 22.23 -3.10
C VAL A 145 -0.93 23.08 -2.34
N ALA A 146 0.21 22.49 -2.02
CA ALA A 146 1.27 23.17 -1.30
C ALA A 146 2.54 23.17 -2.16
N PHE A 147 3.22 24.32 -2.18
CA PHE A 147 4.45 24.45 -2.94
C PHE A 147 5.36 25.46 -2.26
N ARG A 148 6.67 25.24 -2.36
CA ARG A 148 7.66 26.11 -1.76
C ARG A 148 8.91 26.10 -2.62
N PRO A 149 9.66 27.21 -2.67
CA PRO A 149 10.92 27.20 -3.40
C PRO A 149 11.87 26.16 -2.82
N PHE A 150 12.54 25.43 -3.70
CA PHE A 150 13.37 24.31 -3.29
C PHE A 150 14.41 24.76 -2.28
N GLY A 151 14.46 24.06 -1.14
CA GLY A 151 15.38 24.35 -0.07
C GLY A 151 14.78 25.11 1.10
N THR A 152 13.62 25.74 0.90
CA THR A 152 12.97 26.48 1.96
C THR A 152 12.02 25.58 2.75
N THR A 153 11.50 26.11 3.84
CA THR A 153 10.62 25.37 4.74
C THR A 153 9.17 25.86 4.74
N THR A 154 8.94 27.12 4.41
CA THR A 154 7.61 27.71 4.54
C THR A 154 6.76 27.42 3.31
N TRP A 155 5.57 26.90 3.53
CA TRP A 155 4.68 26.47 2.45
C TRP A 155 3.79 27.60 1.97
N ILE A 156 3.56 27.62 0.66
CA ILE A 156 2.48 28.41 0.05
C ILE A 156 1.39 27.43 -0.36
N GLN A 157 0.20 27.60 0.19
CA GLN A 157 -0.88 26.63 0.03
C GLN A 157 -2.13 27.28 -0.55
N THR A 158 -2.91 26.47 -1.26
CA THR A 158 -4.18 26.89 -1.82
C THR A 158 -5.18 25.73 -1.77
N VAL A 159 -6.45 26.06 -1.60
CA VAL A 159 -7.51 25.06 -1.46
C VAL A 159 -8.25 24.92 -2.79
N VAL A 160 -8.38 23.69 -3.26
CA VAL A 160 -9.07 23.39 -4.51
C VAL A 160 -10.33 22.60 -4.15
N THR A 161 -11.50 23.22 -4.33
CA THR A 161 -12.73 22.62 -3.85
C THR A 161 -13.31 21.61 -4.83
N SER A 162 -13.06 21.76 -6.13
CA SER A 162 -13.63 20.84 -7.09
C SER A 162 -12.82 19.55 -7.13
N PRO A 163 -13.46 18.39 -6.95
CA PRO A 163 -12.70 17.13 -7.03
C PRO A 163 -12.17 16.84 -8.42
N ASP A 164 -12.80 17.37 -9.46
CA ASP A 164 -12.41 17.10 -10.84
C ASP A 164 -11.31 18.03 -11.34
N THR A 165 -10.78 18.91 -10.49
CA THR A 165 -9.78 19.88 -10.91
C THR A 165 -8.39 19.28 -10.77
N PRO A 166 -7.62 19.16 -11.86
CA PRO A 166 -6.33 18.47 -11.78
C PRO A 166 -5.14 19.40 -11.91
N ARG A 167 -5.37 20.72 -11.83
CA ARG A 167 -4.35 21.66 -12.25
C ARG A 167 -4.41 22.92 -11.40
N TYR A 168 -3.24 23.50 -11.12
CA TYR A 168 -3.16 24.80 -10.46
C TYR A 168 -1.94 25.56 -10.98
N VAL A 169 -2.18 26.77 -11.48
CA VAL A 169 -1.12 27.64 -11.96
C VAL A 169 -0.88 28.72 -10.92
N PHE A 170 0.35 28.79 -10.42
CA PHE A 170 0.76 29.84 -9.50
C PHE A 170 1.47 30.92 -10.30
N ARG A 171 0.93 32.13 -10.25
CA ARG A 171 1.46 33.26 -11.02
C ARG A 171 1.85 34.37 -10.05
N ASN A 172 3.15 34.63 -9.94
CA ASN A 172 3.65 35.64 -9.01
C ASN A 172 4.99 36.14 -9.51
N GLU A 173 5.25 37.43 -9.29
CA GLU A 173 6.51 38.03 -9.74
C GLU A 173 7.72 37.44 -9.04
N SER A 174 7.54 36.77 -7.90
CA SER A 174 8.64 36.20 -7.15
C SER A 174 9.14 34.89 -7.73
N ILE A 175 8.53 34.38 -8.80
CA ILE A 175 8.92 33.11 -9.39
C ILE A 175 10.05 33.37 -10.38
N LEU A 176 11.17 32.69 -10.18
CA LEU A 176 12.27 32.87 -11.12
C LEU A 176 12.14 31.91 -12.28
N PRO A 177 12.65 32.28 -13.45
CA PRO A 177 12.54 31.42 -14.64
C PRO A 177 13.26 30.10 -14.45
N PHE A 178 12.51 29.00 -14.60
CA PHE A 178 13.04 27.64 -14.51
C PHE A 178 13.75 27.42 -13.17
N SER A 179 12.98 27.62 -12.10
CA SER A 179 13.45 27.44 -10.73
C SER A 179 12.82 26.20 -10.11
N PRO A 180 13.58 25.43 -9.36
CA PRO A 180 13.02 24.21 -8.74
C PRO A 180 12.13 24.53 -7.55
N TYR A 181 11.03 23.80 -7.44
CA TYR A 181 10.07 23.95 -6.35
C TYR A 181 9.72 22.59 -5.78
N GLU A 182 9.44 22.56 -4.49
CA GLU A 182 8.95 21.36 -3.81
C GLU A 182 7.44 21.44 -3.70
N VAL A 183 6.75 20.40 -4.17
CA VAL A 183 5.31 20.41 -4.35
C VAL A 183 4.73 19.16 -3.69
N LYS A 184 3.60 19.33 -3.00
CA LYS A 184 2.83 18.20 -2.50
C LYS A 184 1.35 18.58 -2.54
N VAL A 185 0.51 17.60 -2.85
CA VAL A 185 -0.93 17.80 -2.96
C VAL A 185 -1.63 16.91 -1.94
N GLY A 186 -2.56 17.48 -1.18
CA GLY A 186 -3.29 16.77 -0.15
C GLY A 186 -4.78 16.70 -0.47
N VAL A 187 -5.49 15.93 0.35
CA VAL A 187 -6.92 15.70 0.17
C VAL A 187 -7.64 16.01 1.48
N TYR A 188 -8.94 16.29 1.35
CA TYR A 188 -9.79 16.57 2.51
C TYR A 188 -11.24 16.39 2.07
N ASN A 189 -12.12 16.31 3.07
CA ASN A 189 -13.55 16.38 2.84
C ASN A 189 -14.20 17.01 4.08
N ASN A 190 -15.54 17.04 4.08
CA ASN A 190 -16.26 17.68 5.18
C ASN A 190 -15.93 17.06 6.54
N LYS A 191 -15.46 15.82 6.58
CA LYS A 191 -15.16 15.19 7.85
C LYS A 191 -13.79 15.58 8.40
N GLY A 192 -12.91 16.11 7.59
CA GLY A 192 -11.62 16.56 8.06
C GLY A 192 -10.57 16.46 6.96
N GLU A 193 -9.33 16.68 7.38
CA GLU A 193 -8.20 16.73 6.47
C GLU A 193 -7.60 15.33 6.27
N GLY A 194 -7.10 15.08 5.08
CA GLY A 194 -6.43 13.83 4.78
C GLY A 194 -4.94 14.02 4.56
N PRO A 195 -4.25 12.95 4.15
CA PRO A 195 -2.80 13.02 4.02
C PRO A 195 -2.37 13.81 2.80
N PHE A 196 -1.09 14.18 2.81
CA PHE A 196 -0.43 14.80 1.66
C PHE A 196 0.33 13.76 0.86
N SER A 197 0.57 14.07 -0.40
CA SER A 197 1.36 13.20 -1.25
C SER A 197 2.85 13.35 -0.92
N SER A 198 3.65 12.48 -1.52
CA SER A 198 5.09 12.63 -1.39
C SER A 198 5.54 13.91 -2.08
N ILE A 199 6.56 14.55 -1.51
CA ILE A 199 7.08 15.79 -2.07
C ILE A 199 7.78 15.49 -3.38
N THR A 200 7.42 16.22 -4.43
CA THR A 200 8.03 16.07 -5.74
C THR A 200 8.58 17.40 -6.21
N THR A 201 9.58 17.34 -7.08
CA THR A 201 10.20 18.54 -7.63
C THR A 201 9.50 18.93 -8.93
N VAL A 202 9.05 20.18 -9.00
CA VAL A 202 8.43 20.74 -10.19
C VAL A 202 9.13 22.04 -10.54
N PHE A 203 9.68 22.11 -11.76
CA PHE A 203 10.34 23.33 -12.21
C PHE A 203 9.33 24.32 -12.77
N SER A 204 9.63 25.60 -12.59
CA SER A 204 8.78 26.66 -13.11
C SER A 204 9.03 26.82 -14.61
N ALA A 205 8.34 27.79 -15.22
CA ALA A 205 8.45 27.98 -16.65
C ALA A 205 9.67 28.82 -16.99
N GLU A 206 9.90 28.98 -18.29
CA GLU A 206 11.02 29.76 -18.79
C GLU A 206 10.81 31.25 -18.54
N ALA A 226 0.30 42.45 -12.64
CA ALA A 226 -0.54 42.79 -13.77
C ALA A 226 -1.83 41.97 -13.77
N GLU A 227 -2.68 42.23 -12.78
CA GLU A 227 -3.94 41.52 -12.70
C GLU A 227 -5.09 42.40 -13.18
N PRO A 228 -6.03 41.86 -13.95
CA PRO A 228 -7.14 42.69 -14.44
C PRO A 228 -8.07 43.07 -13.29
N GLN A 229 -8.37 44.36 -13.21
CA GLN A 229 -9.17 44.89 -12.10
C GLN A 229 -9.63 46.30 -12.46
N ILE A 230 -10.66 46.75 -11.76
CA ILE A 230 -11.21 48.09 -11.93
C ILE A 230 -11.36 48.76 -10.57
N ALA A 231 -11.22 50.08 -10.56
CA ALA A 231 -11.37 50.88 -9.36
C ALA A 231 -12.28 52.07 -9.66
N MET A 232 -13.03 52.49 -8.64
CA MET A 232 -14.03 53.52 -8.81
C MET A 232 -13.92 54.57 -7.70
N PHE A 233 -14.31 55.79 -8.04
CA PHE A 233 -14.41 56.88 -7.07
C PHE A 233 -15.48 57.83 -7.60
N CYS A 234 -16.60 57.91 -6.90
CA CYS A 234 -17.75 58.66 -7.41
C CYS A 234 -17.39 60.13 -7.62
N GLY A 235 -17.87 60.68 -8.75
CA GLY A 235 -17.50 62.00 -9.20
C GLY A 235 -16.40 62.01 -10.24
N LYS A 236 -15.68 60.90 -10.40
CA LYS A 236 -14.59 60.79 -11.35
C LYS A 236 -14.85 59.60 -12.26
N LEU A 237 -14.10 59.52 -13.36
CA LEU A 237 -14.20 58.40 -14.26
C LEU A 237 -13.56 57.16 -13.65
N ASN A 238 -14.12 56.00 -13.96
CA ASN A 238 -13.57 54.75 -13.45
C ASN A 238 -12.18 54.50 -14.04
N MET A 239 -11.33 53.89 -13.23
CA MET A 239 -9.99 53.50 -13.65
C MET A 239 -9.91 52.00 -13.81
N HIS A 240 -8.91 51.55 -14.56
CA HIS A 240 -8.72 50.12 -14.77
C HIS A 240 -7.24 49.84 -15.00
N MET A 241 -6.83 48.62 -14.67
CA MET A 241 -5.43 48.23 -14.79
C MET A 241 -5.13 47.80 -16.22
N ASN A 242 -4.16 48.45 -16.84
CA ASN A 242 -3.66 48.04 -18.15
C ASN A 242 -2.68 46.89 -17.94
N VAL A 243 -3.03 45.71 -18.45
CA VAL A 243 -2.25 44.51 -18.15
C VAL A 243 -0.89 44.56 -18.84
N GLN A 244 -0.76 45.28 -19.95
CA GLN A 244 0.50 45.29 -20.69
C GLN A 244 1.57 46.07 -19.92
N ASN A 245 1.25 47.27 -19.47
CA ASN A 245 2.23 48.13 -18.80
C ASN A 245 2.06 48.18 -17.28
N GLY A 246 0.97 47.63 -16.75
CA GLY A 246 0.78 47.62 -15.31
C GLY A 246 0.53 48.98 -14.69
N LYS A 247 -0.16 49.87 -15.40
CA LYS A 247 -0.47 51.20 -14.90
C LYS A 247 -1.97 51.44 -14.97
N TRP A 248 -2.50 52.15 -13.98
CA TRP A 248 -3.92 52.48 -13.98
C TRP A 248 -4.24 53.51 -15.05
N GLU A 249 -5.27 53.25 -15.83
CA GLU A 249 -5.66 54.13 -16.93
C GLU A 249 -7.14 54.47 -16.82
N SER A 250 -7.50 55.62 -17.38
CA SER A 250 -8.86 56.14 -17.28
C SER A 250 -9.81 55.33 -18.17
N ASP A 251 -11.10 55.60 -18.01
CA ASP A 251 -12.14 54.93 -18.77
C ASP A 251 -11.94 55.14 -20.27
N PRO A 252 -11.79 54.09 -21.07
CA PRO A 252 -11.62 54.28 -22.51
C PRO A 252 -12.76 55.04 -23.17
N SER A 253 -14.01 54.71 -22.83
CA SER A 253 -15.14 55.44 -23.38
C SER A 253 -15.16 56.88 -22.89
N GLY A 254 -14.77 57.11 -21.64
CA GLY A 254 -14.76 58.45 -21.08
C GLY A 254 -16.08 58.93 -20.55
N THR A 255 -17.04 58.03 -20.35
CA THR A 255 -18.37 58.40 -19.86
C THR A 255 -18.80 57.67 -18.61
N LYS A 256 -18.22 56.51 -18.30
CA LYS A 256 -18.73 55.67 -17.22
C LYS A 256 -18.24 56.17 -15.87
N THR A 257 -19.18 56.40 -14.96
CA THR A 257 -18.89 56.83 -13.61
C THR A 257 -18.97 55.64 -12.66
N CYS A 258 -19.02 55.93 -11.35
CA CYS A 258 -19.03 54.85 -10.35
C CYS A 258 -20.31 54.05 -10.42
N ILE A 259 -20.21 52.78 -9.99
CA ILE A 259 -21.28 51.80 -10.17
C ILE A 259 -21.76 51.35 -8.79
N ASP A 260 -23.08 51.13 -8.68
CA ASP A 260 -23.73 50.84 -7.40
C ASP A 260 -24.09 49.37 -7.23
N THR A 261 -24.05 48.56 -8.30
CA THR A 261 -24.44 47.16 -8.23
C THR A 261 -23.25 46.26 -8.52
N LYS A 262 -23.23 45.10 -7.88
CA LYS A 262 -22.19 44.12 -8.18
C LYS A 262 -22.31 43.62 -9.61
N GLU A 263 -23.55 43.47 -10.09
CA GLU A 263 -23.77 43.02 -11.46
C GLU A 263 -23.28 44.06 -12.46
N GLY A 264 -23.45 45.35 -12.15
CA GLY A 264 -22.98 46.39 -13.04
C GLY A 264 -21.46 46.49 -13.08
N ILE A 265 -20.79 46.19 -11.97
CA ILE A 265 -19.34 46.15 -11.97
C ILE A 265 -18.85 45.04 -12.89
N LEU A 266 -19.55 43.91 -12.89
CA LEU A 266 -19.18 42.80 -13.78
C LEU A 266 -19.23 43.24 -15.24
N GLN A 267 -20.30 43.93 -15.63
CA GLN A 267 -20.41 44.38 -17.01
C GLN A 267 -19.32 45.39 -17.36
N TYR A 268 -18.83 46.16 -16.37
CA TYR A 268 -17.76 47.10 -16.67
C TYR A 268 -16.41 46.41 -16.78
N CYS A 269 -16.18 45.38 -15.94
CA CYS A 269 -15.00 44.53 -16.13
C CYS A 269 -14.98 43.96 -17.54
N GLN A 270 -16.13 43.47 -18.02
CA GLN A 270 -16.20 42.90 -19.37
C GLN A 270 -16.00 43.98 -20.42
N GLU A 271 -16.57 45.16 -20.20
CA GLU A 271 -16.40 46.25 -21.17
C GLU A 271 -14.95 46.72 -21.25
N VAL A 272 -14.25 46.71 -20.11
CA VAL A 272 -12.85 47.13 -20.10
C VAL A 272 -11.95 46.08 -20.73
N TYR A 273 -12.28 44.79 -20.58
CA TYR A 273 -11.49 43.69 -21.14
C TYR A 273 -12.36 42.90 -22.10
N PRO A 274 -12.53 43.36 -23.34
CA PRO A 274 -13.34 42.60 -24.31
C PRO A 274 -12.67 41.33 -24.79
N GLU A 275 -11.38 41.13 -24.52
CA GLU A 275 -10.64 39.96 -24.98
C GLU A 275 -10.54 38.88 -23.92
N LEU A 276 -11.03 39.12 -22.71
CA LEU A 276 -10.97 38.16 -21.62
C LEU A 276 -12.38 37.75 -21.22
N GLN A 277 -12.51 36.49 -20.81
CA GLN A 277 -13.79 35.95 -20.36
C GLN A 277 -13.93 36.25 -18.87
N ILE A 278 -14.62 37.33 -18.55
CA ILE A 278 -14.83 37.73 -17.15
C ILE A 278 -16.07 37.02 -16.63
N THR A 279 -15.90 36.25 -15.55
CA THR A 279 -16.98 35.44 -15.01
C THR A 279 -17.48 35.88 -13.64
N ASN A 280 -16.70 36.68 -12.91
CA ASN A 280 -17.10 37.10 -11.57
C ASN A 280 -16.20 38.25 -11.14
N VAL A 281 -16.61 38.93 -10.06
CA VAL A 281 -15.80 39.98 -9.46
C VAL A 281 -15.75 39.76 -7.96
N VAL A 282 -14.71 40.29 -7.34
CA VAL A 282 -14.53 40.19 -5.89
C VAL A 282 -13.71 41.38 -5.43
N GLU A 283 -14.02 41.87 -4.23
CA GLU A 283 -13.24 42.96 -3.64
C GLU A 283 -11.81 42.49 -3.38
N ALA A 284 -10.85 43.36 -3.70
CA ALA A 284 -9.48 43.09 -3.32
C ALA A 284 -9.33 43.21 -1.81
N ASN A 285 -8.41 42.42 -1.26
CA ASN A 285 -8.26 42.36 0.19
C ASN A 285 -7.63 43.60 0.78
N GLN A 286 -6.94 44.41 -0.03
CA GLN A 286 -6.27 45.62 0.44
C GLN A 286 -6.51 46.76 -0.55
N PRO A 287 -6.53 47.99 -0.07
CA PRO A 287 -6.71 49.15 -0.97
C PRO A 287 -5.47 49.39 -1.81
N VAL A 288 -5.64 50.26 -2.81
CA VAL A 288 -4.53 50.71 -3.65
C VAL A 288 -4.59 52.24 -3.73
N THR A 289 -3.47 52.83 -4.13
CA THR A 289 -3.38 54.27 -4.34
C THR A 289 -3.27 54.55 -5.83
N ILE A 290 -4.17 55.39 -6.34
CA ILE A 290 -4.27 55.67 -7.77
C ILE A 290 -4.29 57.18 -7.97
N GLN A 291 -3.53 57.65 -8.94
CA GLN A 291 -3.47 59.07 -9.30
C GLN A 291 -4.12 59.28 -10.66
N ASN A 292 -4.19 60.55 -11.07
CA ASN A 292 -4.63 60.94 -12.41
C ASN A 292 -6.08 60.56 -12.66
N TRP A 293 -6.96 60.96 -11.74
CA TRP A 293 -8.39 60.78 -11.93
C TRP A 293 -8.95 61.91 -12.77
N CYS A 294 -9.69 61.56 -13.81
CA CYS A 294 -10.31 62.53 -14.71
C CYS A 294 -11.81 62.58 -14.46
N LYS A 295 -12.42 63.68 -14.87
CA LYS A 295 -13.86 63.81 -14.80
C LYS A 295 -14.49 63.35 -16.12
N ARG A 296 -15.81 63.48 -16.20
CA ARG A 296 -16.54 63.03 -17.41
C ARG A 296 -15.96 63.72 -18.64
N GLY A 297 -15.78 62.95 -19.69
CA GLY A 297 -15.19 63.50 -20.90
C GLY A 297 -13.71 63.81 -20.80
N TRP A 298 -13.00 63.15 -19.89
CA TRP A 298 -11.57 63.36 -19.67
C TRP A 298 -11.30 64.83 -19.31
N HIS A 304 -3.99 64.50 -8.03
CA HIS A 304 -4.72 64.21 -6.80
C HIS A 304 -4.96 62.72 -6.62
N PRO A 305 -4.20 62.12 -5.71
CA PRO A 305 -4.34 60.68 -5.46
C PRO A 305 -5.60 60.37 -4.66
N HIS A 306 -6.04 59.11 -4.78
CA HIS A 306 -7.18 58.61 -4.02
C HIS A 306 -6.94 57.16 -3.66
N ILE A 307 -7.25 56.80 -2.43
CA ILE A 307 -7.12 55.44 -1.93
C ILE A 307 -8.48 54.77 -2.02
N VAL A 308 -8.58 53.72 -2.84
CA VAL A 308 -9.83 52.99 -3.04
C VAL A 308 -9.54 51.50 -3.05
N VAL A 309 -10.57 50.72 -2.74
CA VAL A 309 -10.50 49.27 -2.79
C VAL A 309 -10.92 48.84 -4.19
N PRO A 310 -10.00 48.36 -5.03
CA PRO A 310 -10.37 47.95 -6.38
C PRO A 310 -11.14 46.65 -6.39
N TYR A 311 -11.81 46.39 -7.51
CA TYR A 311 -12.51 45.13 -7.75
C TYR A 311 -11.70 44.29 -8.72
N ARG A 312 -11.39 43.06 -8.31
CA ARG A 312 -10.72 42.12 -9.20
C ARG A 312 -11.71 41.58 -10.21
N CYS A 313 -11.34 41.64 -11.49
CA CYS A 313 -12.14 41.01 -12.55
C CYS A 313 -11.66 39.57 -12.69
N LEU A 314 -12.44 38.63 -12.15
CA LEU A 314 -12.07 37.23 -12.24
C LEU A 314 -12.32 36.69 -13.64
N VAL A 315 -11.35 35.95 -14.17
CA VAL A 315 -11.36 35.46 -15.53
C VAL A 315 -11.47 33.94 -15.53
N GLY A 316 -12.30 33.40 -16.42
CA GLY A 316 -12.41 31.97 -16.61
C GLY A 316 -12.97 31.27 -15.38
N GLU A 317 -12.56 30.01 -15.22
CA GLU A 317 -12.98 29.23 -14.07
C GLU A 317 -12.30 29.73 -12.80
N PHE A 318 -12.99 29.55 -11.68
CA PHE A 318 -12.54 30.13 -10.42
C PHE A 318 -11.26 29.44 -9.95
N VAL A 319 -10.22 30.22 -9.70
CA VAL A 319 -8.95 29.74 -9.16
C VAL A 319 -8.75 30.41 -7.80
N SER A 320 -8.65 29.59 -6.76
CA SER A 320 -8.47 30.12 -5.41
C SER A 320 -7.11 30.80 -5.27
N ASP A 321 -7.03 31.73 -4.33
CA ASP A 321 -5.81 32.49 -4.11
C ASP A 321 -4.74 31.65 -3.43
N ALA A 322 -3.48 32.01 -3.67
CA ALA A 322 -2.35 31.38 -3.00
C ALA A 322 -2.09 32.09 -1.68
N LEU A 323 -2.07 31.33 -0.59
CA LEU A 323 -1.87 31.85 0.75
C LEU A 323 -0.55 31.36 1.31
N LEU A 324 0.15 32.25 2.02
CA LEU A 324 1.42 31.90 2.67
C LEU A 324 1.15 31.34 4.07
N VAL A 325 1.74 30.19 4.36
CA VAL A 325 1.57 29.56 5.66
C VAL A 325 2.93 29.50 6.36
N PRO A 326 3.30 30.53 7.11
CA PRO A 326 4.60 30.53 7.80
C PRO A 326 4.65 29.48 8.89
N ASP A 327 5.84 29.32 9.46
CA ASP A 327 6.03 28.34 10.52
C ASP A 327 5.15 28.70 11.72
N LYS A 328 4.61 27.67 12.38
CA LYS A 328 3.71 27.74 13.52
C LYS A 328 2.33 28.29 13.16
N CYS A 329 2.09 28.68 11.92
CA CYS A 329 0.74 29.08 11.50
C CYS A 329 0.00 27.90 10.89
N LYS A 330 -1.32 28.01 10.88
CA LYS A 330 -2.20 26.93 10.42
C LYS A 330 -3.11 27.43 9.30
N LEU A 331 -3.28 26.61 8.28
CA LEU A 331 -4.23 26.89 7.21
C LEU A 331 -5.58 26.29 7.55
N LEU A 332 -6.63 27.10 7.40
CA LEU A 332 -7.99 26.68 7.68
C LEU A 332 -8.89 27.06 6.51
N HIS A 333 -9.82 26.17 6.18
CA HIS A 333 -10.79 26.44 5.13
C HIS A 333 -12.16 25.97 5.58
N GLN A 334 -13.19 26.65 5.12
CA GLN A 334 -14.55 26.39 5.53
C GLN A 334 -15.47 26.48 4.32
N GLU A 335 -16.36 25.51 4.15
CA GLU A 335 -17.30 25.48 3.05
C GLU A 335 -18.69 25.20 3.59
N ARG A 336 -19.59 26.16 3.44
CA ARG A 336 -20.98 26.05 3.90
C ARG A 336 -21.87 25.98 2.67
N MET A 337 -22.44 24.80 2.40
CA MET A 337 -23.29 24.66 1.23
C MET A 337 -24.66 25.30 1.42
N ASP A 338 -24.98 25.73 2.64
CA ASP A 338 -26.24 26.38 2.97
C ASP A 338 -26.10 27.89 3.08
N VAL A 339 -24.93 28.44 2.76
CA VAL A 339 -24.63 29.86 2.95
C VAL A 339 -24.06 30.41 1.65
N CYS A 340 -24.59 31.55 1.21
CA CYS A 340 -24.10 32.27 0.03
C CYS A 340 -23.98 33.74 0.44
N GLU A 341 -22.79 34.14 0.88
CA GLU A 341 -22.56 35.45 1.47
C GLU A 341 -21.50 36.22 0.69
N THR A 342 -21.19 37.41 1.19
CA THR A 342 -20.36 38.35 0.47
C THR A 342 -18.91 38.25 0.95
N HIS A 343 -18.06 39.09 0.35
CA HIS A 343 -16.64 39.10 0.71
C HIS A 343 -16.44 39.57 2.14
N LEU A 344 -17.19 40.59 2.57
CA LEU A 344 -17.06 41.09 3.93
C LEU A 344 -17.45 40.03 4.95
N HIS A 345 -18.47 39.23 4.64
CA HIS A 345 -18.93 38.22 5.59
C HIS A 345 -17.85 37.18 5.84
N TRP A 346 -17.12 36.77 4.79
CA TRP A 346 -16.09 35.74 4.96
C TRP A 346 -14.81 36.30 5.57
N HIS A 347 -14.50 37.58 5.31
CA HIS A 347 -13.41 38.23 6.03
C HIS A 347 -13.69 38.20 7.53
N THR A 348 -14.95 38.43 7.92
CA THR A 348 -15.30 38.40 9.35
C THR A 348 -15.23 36.98 9.91
N VAL A 349 -15.70 35.99 9.15
CA VAL A 349 -15.63 34.61 9.61
C VAL A 349 -14.20 34.17 9.79
N ALA A 350 -13.33 34.49 8.83
CA ALA A 350 -11.92 34.14 8.96
C ALA A 350 -11.28 34.84 10.15
N LYS A 351 -11.59 36.13 10.33
CA LYS A 351 -10.97 36.89 11.43
C LYS A 351 -11.49 36.44 12.78
N GLU A 352 -12.76 36.02 12.87
CA GLU A 352 -13.29 35.53 14.13
C GLU A 352 -12.86 34.09 14.41
N SER A 353 -12.59 33.31 13.35
CA SER A 353 -12.10 31.95 13.55
C SER A 353 -10.72 31.95 14.20
N CYS A 354 -9.84 32.86 13.78
CA CYS A 354 -8.52 32.93 14.40
C CYS A 354 -8.62 33.45 15.83
N SER A 355 -9.49 34.44 16.08
CA SER A 355 -9.64 34.98 17.42
C SER A 355 -10.14 33.92 18.39
N GLU A 356 -11.00 33.01 17.92
CA GLU A 356 -11.44 31.90 18.76
C GLU A 356 -10.27 30.95 19.06
N LYS A 357 -9.29 30.88 18.15
CA LYS A 357 -8.10 30.06 18.33
C LYS A 357 -6.95 30.83 18.97
N SER A 358 -7.22 32.02 19.51
CA SER A 358 -6.20 32.85 20.16
C SER A 358 -5.06 33.19 19.19
N MET A 359 -5.42 33.50 17.95
CA MET A 359 -4.44 33.83 16.91
C MET A 359 -4.99 35.00 16.09
N ASN A 360 -4.23 35.42 15.09
CA ASN A 360 -4.61 36.52 14.22
C ASN A 360 -4.78 36.05 12.79
N LEU A 361 -5.69 36.70 12.08
CA LEU A 361 -5.89 36.44 10.65
C LEU A 361 -4.74 37.06 9.87
N HIS A 362 -4.06 36.23 9.07
CA HIS A 362 -2.89 36.65 8.31
C HIS A 362 -3.18 36.91 6.84
N ASP A 363 -4.06 36.11 6.23
CA ASP A 363 -4.40 36.25 4.82
C ASP A 363 -5.59 35.35 4.55
N TYR A 364 -6.35 35.68 3.51
CA TYR A 364 -7.56 34.93 3.21
C TYR A 364 -7.91 35.06 1.73
N GLY A 365 -8.85 34.24 1.30
CA GLY A 365 -9.34 34.25 -0.06
C GLY A 365 -10.68 33.56 -0.13
N MET A 366 -11.43 33.89 -1.17
CA MET A 366 -12.78 33.36 -1.32
C MET A 366 -12.75 31.94 -1.86
N LEU A 367 -13.84 31.21 -1.62
CA LEU A 367 -14.03 29.86 -2.15
C LEU A 367 -15.48 29.69 -2.57
N LEU A 368 -15.67 28.88 -3.61
CA LEU A 368 -16.98 28.40 -4.07
C LEU A 368 -17.93 29.52 -4.43
N PRO A 369 -17.75 30.17 -5.59
CA PRO A 369 -18.67 31.23 -5.99
C PRO A 369 -20.09 30.69 -6.19
N CYS A 370 -21.06 31.40 -5.63
CA CYS A 370 -22.46 31.07 -5.78
C CYS A 370 -23.24 32.22 -6.40
N GLY A 371 -22.55 33.24 -6.90
CA GLY A 371 -23.19 34.39 -7.50
C GLY A 371 -22.16 35.45 -7.82
N ILE A 372 -22.65 36.57 -8.33
CA ILE A 372 -21.77 37.70 -8.62
C ILE A 372 -21.35 38.32 -7.30
N ASP A 373 -20.06 38.19 -6.97
CA ASP A 373 -19.50 38.68 -5.71
C ASP A 373 -20.22 38.06 -4.52
N LYS A 374 -20.53 36.77 -4.64
CA LYS A 374 -21.13 35.99 -3.55
C LYS A 374 -20.46 34.62 -3.55
N PHE A 375 -20.12 34.14 -2.35
CA PHE A 375 -19.32 32.94 -2.22
C PHE A 375 -19.86 32.07 -1.09
N ARG A 376 -19.48 30.79 -1.13
CA ARG A 376 -19.95 29.80 -0.17
C ARG A 376 -18.91 29.42 0.87
N GLY A 377 -17.73 30.01 0.84
CA GLY A 377 -16.74 29.65 1.83
C GLY A 377 -15.53 30.54 1.76
N VAL A 378 -14.51 30.17 2.54
CA VAL A 378 -13.30 30.97 2.65
C VAL A 378 -12.13 30.06 3.02
N GLU A 379 -10.96 30.40 2.50
CA GLU A 379 -9.69 29.84 2.94
C GLU A 379 -8.88 30.94 3.60
N PHE A 380 -8.18 30.60 4.68
CA PHE A 380 -7.45 31.63 5.40
C PHE A 380 -6.34 30.99 6.24
N VAL A 381 -5.48 31.86 6.77
CA VAL A 381 -4.34 31.46 7.59
C VAL A 381 -4.44 32.17 8.92
N CYS A 382 -4.30 31.42 10.02
CA CYS A 382 -4.20 31.98 11.36
C CYS A 382 -2.77 31.87 11.83
N CYS A 383 -2.21 32.97 12.33
CA CYS A 383 -0.85 33.02 12.84
C CYS A 383 -0.84 33.47 14.29
N PRO A 384 0.16 33.07 15.07
CA PRO A 384 0.26 33.54 16.45
C PRO A 384 0.39 35.06 16.51
N LEU A 385 0.01 35.61 17.67
CA LEU A 385 0.05 37.06 17.85
C LEU A 385 1.47 37.60 17.68
N ALA A 386 2.48 36.81 18.03
CA ALA A 386 3.87 37.23 17.91
C ALA A 386 4.26 37.51 16.46
N GLY B 3 23.16 33.66 -8.84
CA GLY B 3 23.05 32.34 -9.44
C GLY B 3 22.85 31.24 -8.43
N SER B 4 22.24 30.14 -8.89
CA SER B 4 21.98 29.00 -8.03
C SER B 4 23.29 28.31 -7.64
N PRO B 5 23.32 27.57 -6.53
CA PRO B 5 24.55 26.90 -6.12
C PRO B 5 24.91 25.76 -7.07
N GLY B 6 26.21 25.51 -7.17
CA GLY B 6 26.69 24.38 -7.93
C GLY B 6 26.47 23.09 -7.19
N PRO B 7 26.75 21.98 -7.87
CA PRO B 7 26.53 20.66 -7.28
C PRO B 7 27.55 20.38 -6.19
N PRO B 8 27.10 19.94 -5.01
CA PRO B 8 28.04 19.44 -4.01
C PRO B 8 28.86 18.28 -4.56
N GLU B 9 29.98 18.02 -3.90
CA GLU B 9 30.94 17.03 -4.39
C GLU B 9 31.19 15.98 -3.32
N HIS B 10 31.63 14.81 -3.79
CA HIS B 10 32.10 13.72 -2.93
C HIS B 10 31.04 13.33 -1.89
N VAL B 11 29.87 12.94 -2.38
CA VAL B 11 28.81 12.46 -1.51
C VAL B 11 29.12 11.02 -1.13
N ARG B 12 29.35 10.79 0.16
CA ARG B 12 29.77 9.50 0.67
C ARG B 12 28.80 9.01 1.73
N VAL B 13 28.67 7.69 1.84
CA VAL B 13 27.78 7.05 2.80
C VAL B 13 28.63 6.27 3.80
N ASP B 14 28.40 6.49 5.08
CA ASP B 14 29.03 5.75 6.17
C ASP B 14 27.96 5.29 7.14
N GLU B 15 28.39 4.56 8.18
CA GLU B 15 27.55 4.08 9.27
C GLU B 15 26.15 3.67 8.80
N ILE B 16 26.06 2.70 7.90
CA ILE B 16 24.79 2.26 7.34
C ILE B 16 24.16 1.21 8.24
N THR B 17 22.86 1.34 8.50
CA THR B 17 22.14 0.36 9.31
C THR B 17 20.99 -0.25 8.52
N ASP B 18 19.99 -0.78 9.24
CA ASP B 18 18.79 -1.27 8.56
C ASP B 18 17.80 -0.16 8.27
N THR B 19 17.78 0.88 9.10
CA THR B 19 16.85 1.99 8.99
C THR B 19 17.51 3.31 8.65
N THR B 20 18.69 3.56 9.20
CA THR B 20 19.34 4.87 9.09
C THR B 20 20.57 4.80 8.20
N ALA B 21 21.14 5.98 7.94
CA ALA B 21 22.35 6.11 7.14
C ALA B 21 22.99 7.45 7.41
N GLN B 22 24.31 7.48 7.48
CA GLN B 22 25.07 8.70 7.70
C GLN B 22 25.65 9.17 6.37
N ILE B 23 25.26 10.37 5.94
CA ILE B 23 25.64 10.93 4.65
C ILE B 23 26.51 12.15 4.89
N SER B 24 27.61 12.24 4.15
CA SER B 24 28.51 13.39 4.22
C SER B 24 28.78 13.88 2.81
N TRP B 25 29.10 15.18 2.70
CA TRP B 25 29.33 15.79 1.40
C TRP B 25 30.26 16.99 1.57
N GLN B 26 30.61 17.58 0.43
CA GLN B 26 31.48 18.74 0.39
C GLN B 26 30.80 19.84 -0.41
N GLU B 27 30.88 21.07 0.08
CA GLU B 27 30.22 22.18 -0.57
C GLU B 27 30.76 22.37 -1.99
N GLY B 28 29.86 22.46 -2.95
CA GLY B 28 30.23 22.71 -4.33
C GLY B 28 30.49 24.19 -4.56
N THR B 29 30.61 24.53 -5.85
CA THR B 29 30.85 25.91 -6.23
C THR B 29 29.57 26.73 -6.04
N ASP B 30 29.53 27.54 -4.99
CA ASP B 30 28.46 28.52 -4.84
C ASP B 30 28.72 29.69 -5.79
N ASN B 31 27.66 30.34 -6.20
CA ASN B 31 27.75 31.45 -7.15
C ASN B 31 27.50 32.77 -6.41
N HIS B 32 28.49 33.17 -5.62
CA HIS B 32 28.54 34.50 -4.99
C HIS B 32 27.37 34.73 -4.05
N SER B 33 26.81 33.65 -3.50
CA SER B 33 25.76 33.74 -2.50
C SER B 33 25.94 32.54 -1.59
N PRO B 34 26.07 32.73 -0.28
CA PRO B 34 26.35 31.59 0.60
C PRO B 34 25.20 30.57 0.60
N VAL B 35 25.59 29.30 0.66
CA VAL B 35 24.62 28.21 0.73
C VAL B 35 23.85 28.31 2.04
N THR B 36 22.52 28.30 1.95
CA THR B 36 21.67 28.46 3.12
C THR B 36 20.98 27.18 3.57
N ALA B 37 20.95 26.14 2.74
CA ALA B 37 20.32 24.89 3.13
C ALA B 37 20.82 23.77 2.25
N TYR B 38 20.79 22.56 2.80
CA TYR B 38 21.13 21.33 2.08
C TYR B 38 19.94 20.38 2.14
N THR B 39 19.71 19.67 1.03
CA THR B 39 18.63 18.70 0.94
C THR B 39 19.18 17.39 0.42
N ILE B 40 18.69 16.29 0.96
CA ILE B 40 19.16 14.95 0.62
C ILE B 40 18.08 14.22 -0.16
N GLN B 41 18.49 13.55 -1.24
CA GLN B 41 17.60 12.76 -2.07
C GLN B 41 18.17 11.35 -2.23
N ALA B 42 17.27 10.39 -2.44
CA ALA B 42 17.67 9.00 -2.61
C ALA B 42 16.90 8.36 -3.76
N ARG B 43 17.55 7.43 -4.44
CA ARG B 43 16.96 6.67 -5.52
C ARG B 43 17.25 5.18 -5.31
N THR B 44 16.22 4.36 -5.43
CA THR B 44 16.30 2.92 -5.29
C THR B 44 15.72 2.28 -6.54
N PRO B 45 15.94 0.97 -6.74
CA PRO B 45 15.29 0.28 -7.87
C PRO B 45 13.77 0.22 -7.76
N PHE B 46 13.20 0.63 -6.64
CA PHE B 46 11.76 0.60 -6.44
C PHE B 46 11.12 1.98 -6.45
N SER B 47 11.78 2.99 -5.90
CA SER B 47 11.31 4.36 -6.07
C SER B 47 11.50 4.79 -7.51
N VAL B 48 10.52 5.53 -8.04
CA VAL B 48 10.54 5.96 -9.43
C VAL B 48 11.31 7.28 -9.46
N GLY B 49 12.61 7.19 -9.68
CA GLY B 49 13.46 8.37 -9.72
C GLY B 49 13.96 8.77 -8.35
N TRP B 50 14.43 10.02 -8.28
CA TRP B 50 14.94 10.55 -7.02
C TRP B 50 13.80 11.01 -6.13
N GLN B 51 13.93 10.73 -4.84
CA GLN B 51 12.92 11.08 -3.85
C GLN B 51 13.58 11.74 -2.64
N ARG B 52 12.84 12.66 -2.03
CA ARG B 52 13.30 13.30 -0.80
C ARG B 52 13.34 12.28 0.34
N VAL B 53 14.25 12.50 1.28
CA VAL B 53 14.40 11.61 2.43
C VAL B 53 14.40 12.42 3.70
N THR B 54 13.97 11.78 4.79
CA THR B 54 13.88 12.46 6.08
C THR B 54 15.22 12.41 6.78
N THR B 55 15.66 13.55 7.29
CA THR B 55 16.95 13.66 7.95
C THR B 55 16.78 14.07 9.40
N VAL B 56 17.83 13.81 10.19
CA VAL B 56 17.92 14.29 11.56
C VAL B 56 19.25 15.04 11.69
N PRO B 57 19.24 16.37 11.91
CA PRO B 57 18.06 17.20 12.16
C PRO B 57 17.17 17.39 10.92
N ASP B 58 15.96 17.88 11.14
CA ASP B 58 14.99 18.02 10.04
C ASP B 58 15.50 18.98 8.98
N VAL B 59 16.12 20.09 9.40
CA VAL B 59 16.62 21.12 8.50
C VAL B 59 18.13 21.16 8.58
N ILE B 60 18.78 21.16 7.43
CA ILE B 60 20.24 21.20 7.32
C ILE B 60 20.64 22.59 6.82
N ASP B 61 21.56 23.24 7.53
CA ASP B 61 22.02 24.57 7.16
C ASP B 61 23.33 24.46 6.36
N GLY B 62 23.89 25.63 6.03
CA GLY B 62 25.09 25.67 5.21
C GLY B 62 26.35 25.26 5.94
N ASN B 63 26.41 25.45 7.26
CA ASN B 63 27.57 25.07 8.07
C ASN B 63 27.64 23.58 8.31
N THR B 64 26.64 22.82 7.90
CA THR B 64 26.58 21.39 8.13
C THR B 64 26.98 20.64 6.87
N PHE B 65 27.75 19.56 7.05
CA PHE B 65 28.19 18.73 5.94
C PHE B 65 27.99 17.25 6.19
N THR B 66 27.28 16.88 7.25
CA THR B 66 26.92 15.49 7.50
C THR B 66 25.57 15.45 8.21
N THR B 67 24.84 14.37 7.98
CA THR B 67 23.52 14.22 8.59
C THR B 67 23.16 12.74 8.60
N THR B 68 22.13 12.41 9.36
CA THR B 68 21.60 11.06 9.44
C THR B 68 20.30 11.00 8.66
N VAL B 69 20.26 10.14 7.65
CA VAL B 69 19.02 9.85 6.92
C VAL B 69 18.32 8.70 7.63
N VAL B 70 17.02 8.84 7.87
CA VAL B 70 16.27 7.88 8.66
C VAL B 70 15.07 7.37 7.84
N ASP B 71 14.39 6.37 8.42
CA ASP B 71 13.15 5.82 7.86
C ASP B 71 13.38 5.19 6.49
N LEU B 72 14.51 4.50 6.33
CA LEU B 72 14.80 3.78 5.11
C LEU B 72 14.24 2.36 5.19
N ASN B 73 14.24 1.68 4.05
CA ASN B 73 13.72 0.32 3.95
C ASN B 73 14.87 -0.66 4.13
N PRO B 74 14.79 -1.59 5.08
CA PRO B 74 15.85 -2.60 5.22
C PRO B 74 16.00 -3.45 3.98
N TRP B 75 17.25 -3.75 3.64
CA TRP B 75 17.61 -4.63 2.52
C TRP B 75 17.15 -4.06 1.18
N VAL B 76 17.49 -2.80 0.94
CA VAL B 76 17.23 -2.13 -0.33
C VAL B 76 18.52 -1.44 -0.76
N GLU B 77 18.79 -1.49 -2.06
CA GLU B 77 19.94 -0.81 -2.65
C GLU B 77 19.61 0.67 -2.81
N TYR B 78 20.44 1.54 -2.20
CA TYR B 78 20.20 2.97 -2.17
C TYR B 78 21.31 3.73 -2.88
N GLU B 79 20.92 4.81 -3.56
CA GLU B 79 21.84 5.85 -4.00
C GLU B 79 21.45 7.15 -3.30
N PHE B 80 22.43 8.02 -3.10
CA PHE B 80 22.16 9.29 -2.43
C PHE B 80 22.79 10.43 -3.22
N ARG B 81 22.12 11.58 -3.18
CA ARG B 81 22.66 12.81 -3.74
C ARG B 81 22.19 13.98 -2.89
N VAL B 82 22.93 15.08 -2.97
CA VAL B 82 22.68 16.27 -2.16
C VAL B 82 22.42 17.44 -3.09
N VAL B 83 21.46 18.28 -2.73
CA VAL B 83 21.12 19.49 -3.49
C VAL B 83 21.24 20.68 -2.55
N ALA B 84 22.05 21.67 -2.93
CA ALA B 84 22.27 22.85 -2.14
C ALA B 84 21.34 23.98 -2.60
N SER B 85 21.01 24.86 -1.67
CA SER B 85 20.11 25.97 -1.93
C SER B 85 20.78 27.30 -1.59
N ASN B 86 20.37 28.35 -2.31
CA ASN B 86 20.84 29.72 -2.13
C ASN B 86 19.67 30.62 -1.75
N LYS B 87 19.96 31.91 -1.66
CA LYS B 87 18.88 32.90 -1.62
C LYS B 87 18.19 32.99 -2.98
N ILE B 88 18.91 32.64 -4.05
CA ILE B 88 18.31 32.59 -5.38
C ILE B 88 17.31 31.45 -5.48
N GLY B 89 17.75 30.23 -5.15
CA GLY B 89 16.88 29.07 -5.22
C GLY B 89 17.70 27.81 -5.16
N GLY B 90 17.03 26.70 -5.51
CA GLY B 90 17.70 25.42 -5.52
C GLY B 90 18.69 25.30 -6.67
N GLY B 91 19.78 24.55 -6.42
CA GLY B 91 20.84 24.41 -7.36
C GLY B 91 20.90 23.04 -8.01
N GLU B 92 21.99 22.81 -8.73
CA GLU B 92 22.16 21.55 -9.45
C GLU B 92 22.42 20.42 -8.47
N PRO B 93 21.74 19.29 -8.60
CA PRO B 93 22.00 18.16 -7.69
C PRO B 93 23.40 17.59 -7.88
N SER B 94 23.93 17.03 -6.79
CA SER B 94 25.24 16.41 -6.83
C SER B 94 25.20 15.09 -7.60
N LEU B 95 26.37 14.63 -8.02
CA LEU B 95 26.48 13.30 -8.56
C LEU B 95 26.10 12.29 -7.48
N PRO B 96 25.52 11.15 -7.86
CA PRO B 96 25.06 10.19 -6.86
C PRO B 96 26.21 9.58 -6.10
N SER B 97 25.89 9.08 -4.90
CA SER B 97 26.87 8.38 -4.08
C SER B 97 27.05 6.95 -4.58
N GLU B 98 28.04 6.27 -4.02
CA GLU B 98 28.21 4.86 -4.27
C GLU B 98 26.95 4.10 -3.86
N LYS B 99 26.61 3.06 -4.62
CA LYS B 99 25.43 2.28 -4.30
C LYS B 99 25.67 1.45 -3.05
N VAL B 100 24.79 1.61 -2.06
CA VAL B 100 24.89 0.89 -0.79
C VAL B 100 23.55 0.21 -0.53
N ARG B 101 23.61 -0.89 0.23
CA ARG B 101 22.43 -1.68 0.58
C ARG B 101 22.26 -1.65 2.09
N THR B 102 21.08 -1.24 2.54
CA THR B 102 20.78 -1.22 3.97
C THR B 102 20.85 -2.64 4.56
N GLU B 103 21.02 -2.71 5.87
CA GLU B 103 21.15 -3.98 6.54
C GLU B 103 19.80 -4.71 6.56
N GLU B 104 19.87 -6.00 6.90
CA GLU B 104 18.69 -6.84 6.94
C GLU B 104 17.85 -6.54 8.17
N ALA B 105 16.61 -7.02 8.15
CA ALA B 105 15.72 -6.91 9.29
C ALA B 105 14.64 -7.96 9.15
N VAL B 106 13.96 -8.24 10.27
CA VAL B 106 12.85 -9.19 10.18
C VAL B 106 11.76 -8.60 9.29
N PRO B 107 11.05 -9.41 8.51
CA PRO B 107 9.98 -8.87 7.68
C PRO B 107 8.80 -8.43 8.55
N GLU B 108 8.04 -7.46 8.02
CA GLU B 108 6.93 -6.90 8.77
C GLU B 108 5.58 -7.00 8.07
N ILE B 109 5.53 -7.39 6.80
CA ILE B 109 4.26 -7.39 6.06
C ILE B 109 3.87 -8.81 5.68
N PRO B 110 2.80 -9.36 6.25
CA PRO B 110 2.33 -10.68 5.83
C PRO B 110 1.68 -10.60 4.46
N PRO B 111 1.53 -11.73 3.77
CA PRO B 111 0.92 -11.69 2.44
C PRO B 111 -0.52 -11.19 2.51
N ALA B 112 -0.93 -10.52 1.43
CA ALA B 112 -2.31 -10.08 1.27
C ALA B 112 -3.05 -11.05 0.38
N GLU B 113 -4.39 -10.98 0.45
CA GLU B 113 -5.27 -11.80 -0.40
C GLU B 113 -5.02 -13.29 -0.21
N VAL B 114 -4.94 -13.72 1.04
CA VAL B 114 -4.83 -15.13 1.37
C VAL B 114 -6.17 -15.79 1.05
N SER B 115 -6.19 -16.67 0.06
CA SER B 115 -7.42 -17.36 -0.34
C SER B 115 -7.12 -18.76 -0.85
N GLY B 116 -7.94 -19.24 -1.78
CA GLY B 116 -7.70 -20.54 -2.40
C GLY B 116 -9.01 -21.24 -2.69
N GLY B 117 -8.90 -22.55 -2.90
CA GLY B 117 -10.03 -23.39 -3.26
C GLY B 117 -9.82 -24.07 -4.60
N GLY B 118 -10.72 -25.02 -4.87
CA GLY B 118 -10.66 -25.78 -6.09
C GLY B 118 -9.78 -27.01 -5.97
N GLY B 119 -9.30 -27.48 -7.12
CA GLY B 119 -8.46 -28.65 -7.19
C GLY B 119 -9.24 -29.93 -7.41
N SER B 120 -8.50 -31.04 -7.39
CA SER B 120 -9.07 -32.37 -7.51
C SER B 120 -9.38 -32.94 -6.14
N ARG B 121 -10.02 -34.11 -6.13
CA ARG B 121 -10.51 -34.70 -4.89
C ARG B 121 -9.40 -34.87 -3.86
N SER B 122 -9.76 -34.68 -2.59
CA SER B 122 -8.84 -34.81 -1.46
C SER B 122 -7.64 -33.86 -1.58
N GLU B 123 -7.92 -32.62 -1.98
CA GLU B 123 -6.90 -31.60 -2.07
C GLU B 123 -7.38 -30.34 -1.38
N LEU B 124 -6.41 -29.50 -0.99
CA LEU B 124 -6.68 -28.18 -0.42
C LEU B 124 -5.72 -27.20 -1.07
N VAL B 125 -6.26 -26.29 -1.88
CA VAL B 125 -5.46 -25.33 -2.63
C VAL B 125 -5.46 -24.01 -1.87
N ILE B 126 -4.28 -23.57 -1.42
CA ILE B 126 -4.11 -22.35 -0.67
C ILE B 126 -3.26 -21.39 -1.50
N THR B 127 -3.78 -20.20 -1.77
CA THR B 127 -3.08 -19.20 -2.55
C THR B 127 -2.93 -17.91 -1.75
N TRP B 128 -2.00 -17.06 -2.19
CA TRP B 128 -1.74 -15.78 -1.56
C TRP B 128 -0.96 -14.91 -2.53
N ASP B 129 -0.87 -13.63 -2.19
CA ASP B 129 -0.11 -12.70 -3.03
C ASP B 129 1.36 -12.74 -2.64
N PRO B 130 2.27 -12.96 -3.59
CA PRO B 130 3.68 -13.02 -3.24
C PRO B 130 4.19 -11.65 -2.81
N ILE B 131 5.00 -11.64 -1.76
CA ILE B 131 5.57 -10.39 -1.25
C ILE B 131 6.67 -9.93 -2.20
N PRO B 132 6.64 -8.68 -2.67
CA PRO B 132 7.69 -8.21 -3.58
C PRO B 132 9.02 -8.04 -2.85
N GLU B 133 10.08 -7.88 -3.65
CA GLU B 133 11.43 -7.90 -3.12
C GLU B 133 11.66 -6.76 -2.13
N GLU B 134 11.05 -5.59 -2.38
CA GLU B 134 11.25 -4.42 -1.54
C GLU B 134 10.69 -4.58 -0.13
N LEU B 135 9.93 -5.64 0.14
CA LEU B 135 9.35 -5.85 1.47
C LEU B 135 9.84 -7.14 2.12
N GLN B 136 10.85 -7.81 1.54
CA GLN B 136 11.36 -9.04 2.12
C GLN B 136 12.38 -8.77 3.23
N ASN B 137 13.06 -7.63 3.19
CA ASN B 137 13.90 -7.14 4.27
C ASN B 137 15.10 -8.03 4.56
N GLY B 138 15.46 -8.92 3.64
CA GLY B 138 16.63 -9.74 3.85
C GLY B 138 16.61 -10.99 3.00
N GLU B 139 17.79 -11.59 2.86
CA GLU B 139 17.93 -12.85 2.16
C GLU B 139 17.21 -13.97 2.91
N GLY B 140 16.99 -15.07 2.21
CA GLY B 140 16.33 -16.22 2.81
C GLY B 140 14.87 -15.99 3.13
N PHE B 141 14.20 -15.12 2.38
CA PHE B 141 12.79 -14.86 2.62
C PHE B 141 11.97 -16.08 2.22
N GLY B 142 10.99 -16.43 3.06
CA GLY B 142 10.11 -17.54 2.78
C GLY B 142 8.76 -17.33 3.42
N TYR B 143 7.89 -18.30 3.23
CA TYR B 143 6.55 -18.27 3.81
C TYR B 143 6.34 -19.46 4.73
N VAL B 144 5.38 -19.31 5.64
CA VAL B 144 4.90 -20.41 6.48
C VAL B 144 3.39 -20.49 6.29
N VAL B 145 2.92 -21.58 5.71
CA VAL B 145 1.50 -21.80 5.45
C VAL B 145 0.94 -22.68 6.56
N ALA B 146 -0.15 -22.23 7.19
CA ALA B 146 -0.79 -22.97 8.27
C ALA B 146 -2.27 -23.14 7.96
N PHE B 147 -2.79 -24.34 8.21
CA PHE B 147 -4.18 -24.65 7.92
C PHE B 147 -4.66 -25.75 8.85
N ARG B 148 -5.95 -25.68 9.20
CA ARG B 148 -6.56 -26.69 10.04
C ARG B 148 -8.05 -26.69 9.77
N PRO B 149 -8.72 -27.83 9.91
CA PRO B 149 -10.18 -27.86 9.70
C PRO B 149 -10.90 -27.05 10.76
N PHE B 150 -12.08 -26.55 10.40
CA PHE B 150 -12.92 -25.84 11.36
C PHE B 150 -13.17 -26.71 12.57
N GLY B 151 -13.13 -26.10 13.77
CA GLY B 151 -13.38 -26.80 15.01
C GLY B 151 -12.17 -27.48 15.62
N THR B 152 -11.11 -27.72 14.84
CA THR B 152 -9.93 -28.39 15.37
C THR B 152 -8.96 -27.38 15.94
N THR B 153 -8.11 -27.86 16.87
CA THR B 153 -7.10 -27.03 17.50
C THR B 153 -5.72 -27.22 16.91
N THR B 154 -5.37 -28.43 16.50
CA THR B 154 -4.05 -28.69 15.95
C THR B 154 -3.91 -28.05 14.58
N TRP B 155 -2.80 -27.32 14.39
CA TRP B 155 -2.47 -26.73 13.11
C TRP B 155 -1.68 -27.71 12.25
N ILE B 156 -1.82 -27.54 10.94
CA ILE B 156 -0.98 -28.24 9.96
C ILE B 156 -0.20 -27.16 9.21
N GLN B 157 1.14 -27.22 9.30
CA GLN B 157 1.97 -26.16 8.77
C GLN B 157 3.08 -26.71 7.90
N THR B 158 3.51 -25.90 6.94
CA THR B 158 4.61 -26.23 6.05
C THR B 158 5.39 -24.95 5.73
N VAL B 159 6.67 -25.12 5.43
CA VAL B 159 7.59 -24.01 5.17
C VAL B 159 7.84 -23.95 3.67
N VAL B 160 7.57 -22.78 3.07
CA VAL B 160 7.75 -22.56 1.64
C VAL B 160 8.91 -21.59 1.48
N THR B 161 10.03 -22.08 0.94
CA THR B 161 11.27 -21.32 0.97
C THR B 161 11.44 -20.36 -0.20
N SER B 162 10.67 -20.51 -1.27
CA SER B 162 10.81 -19.65 -2.44
C SER B 162 9.90 -18.44 -2.29
N PRO B 163 10.44 -17.21 -2.36
CA PRO B 163 9.58 -16.02 -2.19
C PRO B 163 8.57 -15.85 -3.30
N ASP B 164 8.84 -16.38 -4.50
CA ASP B 164 7.96 -16.20 -5.63
C ASP B 164 6.83 -17.22 -5.69
N THR B 165 6.81 -18.18 -4.79
CA THR B 165 5.77 -19.20 -4.81
C THR B 165 4.45 -18.62 -4.32
N PRO B 166 3.39 -18.63 -5.13
CA PRO B 166 2.11 -18.04 -4.72
C PRO B 166 1.09 -18.99 -4.14
N ARG B 167 1.36 -20.30 -4.11
CA ARG B 167 0.35 -21.23 -3.63
C ARG B 167 0.99 -22.51 -3.12
N TYR B 168 0.22 -23.22 -2.29
CA TYR B 168 0.60 -24.53 -1.76
C TYR B 168 -0.61 -25.45 -1.84
N VAL B 169 -0.38 -26.70 -2.26
CA VAL B 169 -1.44 -27.69 -2.39
C VAL B 169 -1.16 -28.81 -1.40
N PHE B 170 -2.16 -29.13 -0.57
CA PHE B 170 -2.07 -30.20 0.41
C PHE B 170 -2.90 -31.38 -0.09
N ARG B 171 -2.25 -32.50 -0.36
CA ARG B 171 -2.90 -33.71 -0.86
C ARG B 171 -2.80 -34.79 0.22
N ASN B 172 -3.95 -35.17 0.78
CA ASN B 172 -4.00 -36.17 1.84
C ASN B 172 -5.43 -36.66 1.97
N GLU B 173 -5.59 -37.96 2.28
CA GLU B 173 -6.92 -38.54 2.34
C GLU B 173 -7.70 -38.11 3.58
N SER B 174 -7.10 -37.32 4.48
CA SER B 174 -7.82 -36.77 5.61
C SER B 174 -8.68 -35.56 5.24
N ILE B 175 -8.67 -35.15 3.98
CA ILE B 175 -9.42 -33.98 3.53
C ILE B 175 -10.82 -34.42 3.11
N LEU B 176 -11.84 -33.69 3.58
CA LEU B 176 -13.22 -34.00 3.29
C LEU B 176 -13.70 -33.22 2.07
N PRO B 177 -14.80 -33.65 1.45
CA PRO B 177 -15.34 -32.89 0.31
C PRO B 177 -15.81 -31.51 0.73
N PHE B 178 -15.37 -30.49 -0.01
CA PHE B 178 -15.71 -29.08 0.21
C PHE B 178 -15.78 -28.74 1.70
N SER B 179 -14.65 -28.97 2.38
CA SER B 179 -14.59 -28.75 3.81
C SER B 179 -13.90 -27.43 4.12
N PRO B 180 -14.40 -26.70 5.12
CA PRO B 180 -13.79 -25.40 5.45
C PRO B 180 -12.57 -25.56 6.34
N TYR B 181 -11.51 -24.82 5.99
CA TYR B 181 -10.26 -24.81 6.73
C TYR B 181 -9.91 -23.39 7.13
N GLU B 182 -9.47 -23.20 8.37
CA GLU B 182 -8.84 -21.96 8.78
C GLU B 182 -7.43 -21.90 8.20
N VAL B 183 -7.11 -20.83 7.50
CA VAL B 183 -5.82 -20.70 6.81
C VAL B 183 -5.17 -19.38 7.19
N LYS B 184 -3.86 -19.41 7.40
CA LYS B 184 -3.07 -18.20 7.62
C LYS B 184 -1.68 -18.41 7.08
N VAL B 185 -1.12 -17.37 6.45
CA VAL B 185 0.20 -17.43 5.84
C VAL B 185 1.10 -16.40 6.51
N GLY B 186 2.28 -16.83 6.96
CA GLY B 186 3.26 -15.97 7.58
C GLY B 186 4.48 -15.76 6.69
N VAL B 187 5.43 -14.97 7.23
CA VAL B 187 6.65 -14.62 6.53
C VAL B 187 7.84 -14.75 7.48
N TYR B 188 9.04 -14.85 6.88
CA TYR B 188 10.28 -14.93 7.63
C TYR B 188 11.44 -14.65 6.69
N ASN B 189 12.60 -14.40 7.27
CA ASN B 189 13.85 -14.32 6.49
C ASN B 189 14.99 -14.77 7.40
N ASN B 190 16.22 -14.41 7.03
CA ASN B 190 17.37 -14.84 7.81
C ASN B 190 17.35 -14.26 9.22
N LYS B 191 16.89 -13.02 9.36
CA LYS B 191 16.96 -12.33 10.65
C LYS B 191 15.95 -12.84 11.67
N GLY B 192 14.92 -13.54 11.22
CA GLY B 192 13.89 -14.02 12.14
C GLY B 192 12.56 -14.11 11.43
N GLU B 193 11.53 -14.37 12.23
CA GLU B 193 10.19 -14.61 11.72
C GLU B 193 9.36 -13.33 11.76
N GLY B 194 8.47 -13.20 10.78
CA GLY B 194 7.57 -12.08 10.71
C GLY B 194 6.19 -12.44 11.22
N PRO B 195 5.20 -11.60 10.94
CA PRO B 195 3.85 -11.87 11.41
C PRO B 195 3.12 -12.85 10.49
N PHE B 196 1.97 -13.30 10.98
CA PHE B 196 1.04 -14.07 10.17
C PHE B 196 -0.08 -13.15 9.69
N SER B 197 -0.67 -13.52 8.55
CA SER B 197 -1.89 -12.87 8.13
C SER B 197 -3.02 -13.25 9.08
N SER B 198 -4.13 -12.52 8.99
CA SER B 198 -5.32 -12.90 9.73
C SER B 198 -5.83 -14.25 9.22
N ILE B 199 -6.45 -15.01 10.12
CA ILE B 199 -7.02 -16.29 9.73
C ILE B 199 -8.22 -16.06 8.83
N THR B 200 -8.25 -16.74 7.69
CA THR B 200 -9.36 -16.65 6.75
C THR B 200 -9.87 -18.05 6.44
N THR B 201 -10.94 -18.11 5.65
CA THR B 201 -11.60 -19.37 5.32
C THR B 201 -11.25 -19.79 3.88
N VAL B 202 -10.81 -21.04 3.74
CA VAL B 202 -10.55 -21.64 2.43
C VAL B 202 -11.21 -23.02 2.41
N PHE B 203 -11.93 -23.31 1.33
CA PHE B 203 -12.63 -24.58 1.18
C PHE B 203 -11.80 -25.59 0.39
N SER B 204 -11.98 -26.86 0.75
CA SER B 204 -11.35 -27.97 0.03
C SER B 204 -12.01 -28.13 -1.35
N ALA B 205 -11.48 -29.08 -2.12
CA ALA B 205 -12.11 -29.43 -3.38
C ALA B 205 -13.32 -30.32 -3.15
N GLU B 206 -14.17 -30.41 -4.17
CA GLU B 206 -15.35 -31.24 -4.09
C GLU B 206 -15.21 -32.50 -4.94
N ALA B 226 0.49 -45.35 0.76
CA ALA B 226 0.11 -45.09 -0.63
C ALA B 226 1.02 -44.05 -1.27
N GLU B 227 2.26 -43.95 -0.77
CA GLU B 227 3.24 -43.05 -1.33
C GLU B 227 4.39 -43.82 -1.98
N PRO B 228 4.93 -43.33 -3.10
CA PRO B 228 5.99 -44.06 -3.80
C PRO B 228 7.26 -44.20 -2.96
N GLN B 229 7.55 -45.42 -2.53
CA GLN B 229 8.74 -45.74 -1.74
C GLN B 229 9.40 -46.99 -2.32
N ILE B 230 10.69 -47.14 -2.02
CA ILE B 230 11.41 -48.38 -2.27
C ILE B 230 12.16 -48.75 -1.00
N ALA B 231 12.26 -50.05 -0.73
CA ALA B 231 12.96 -50.56 0.44
C ALA B 231 13.97 -51.61 -0.02
N MET B 232 15.12 -51.65 0.64
CA MET B 232 16.21 -52.51 0.22
C MET B 232 16.75 -53.32 1.39
N PHE B 233 17.13 -54.56 1.10
CA PHE B 233 17.89 -55.37 2.05
C PHE B 233 18.84 -56.22 1.22
N CYS B 234 20.14 -55.95 1.36
CA CYS B 234 21.13 -56.60 0.51
C CYS B 234 21.06 -58.12 0.69
N GLY B 235 21.14 -58.82 -0.44
CA GLY B 235 20.89 -60.24 -0.48
C GLY B 235 19.46 -60.60 -0.85
N LYS B 236 18.56 -59.64 -0.87
CA LYS B 236 17.17 -59.85 -1.22
C LYS B 236 16.78 -58.91 -2.35
N LEU B 237 15.75 -59.31 -3.10
CA LEU B 237 15.21 -58.43 -4.13
C LEU B 237 14.59 -57.20 -3.49
N ASN B 238 14.78 -56.05 -4.13
CA ASN B 238 14.25 -54.81 -3.58
C ASN B 238 12.73 -54.84 -3.54
N MET B 239 12.19 -54.16 -2.53
CA MET B 239 10.75 -54.01 -2.34
C MET B 239 10.33 -52.59 -2.68
N HIS B 240 9.06 -52.42 -3.03
CA HIS B 240 8.54 -51.10 -3.35
C HIS B 240 7.07 -51.04 -2.96
N MET B 241 6.60 -49.82 -2.75
CA MET B 241 5.22 -49.60 -2.35
C MET B 241 4.33 -49.54 -3.58
N ASN B 242 3.37 -50.45 -3.65
CA ASN B 242 2.35 -50.39 -4.69
C ASN B 242 1.33 -49.33 -4.29
N VAL B 243 1.33 -48.21 -5.02
CA VAL B 243 0.55 -47.05 -4.60
C VAL B 243 -0.94 -47.29 -4.66
N GLN B 244 -1.40 -48.35 -5.33
CA GLN B 244 -2.82 -48.59 -5.48
C GLN B 244 -3.42 -49.38 -4.33
N ASN B 245 -2.69 -50.38 -3.82
CA ASN B 245 -3.19 -51.21 -2.72
C ASN B 245 -2.46 -50.98 -1.41
N GLY B 246 -1.38 -50.19 -1.41
CA GLY B 246 -0.65 -49.93 -0.18
C GLY B 246 0.17 -51.09 0.33
N LYS B 247 0.34 -52.14 -0.46
CA LYS B 247 1.10 -53.32 -0.05
C LYS B 247 2.50 -53.26 -0.63
N TRP B 248 3.46 -53.78 0.14
CA TRP B 248 4.84 -53.89 -0.33
C TRP B 248 4.94 -55.05 -1.31
N GLU B 249 5.53 -54.78 -2.48
CA GLU B 249 5.66 -55.78 -3.52
C GLU B 249 7.12 -55.94 -3.92
N SER B 250 7.44 -57.12 -4.46
CA SER B 250 8.81 -57.45 -4.83
C SER B 250 9.19 -56.73 -6.12
N ASP B 251 10.44 -56.90 -6.52
CA ASP B 251 10.93 -56.27 -7.74
C ASP B 251 10.13 -56.77 -8.93
N PRO B 252 9.73 -55.89 -9.85
CA PRO B 252 9.04 -56.37 -11.06
C PRO B 252 9.89 -57.32 -11.88
N SER B 253 11.16 -57.00 -12.06
CA SER B 253 12.12 -57.96 -12.59
C SER B 253 12.54 -58.91 -11.49
N GLY B 254 13.44 -59.84 -11.81
CA GLY B 254 13.94 -60.78 -10.82
C GLY B 254 15.36 -60.56 -10.38
N THR B 255 15.99 -59.44 -10.73
CA THR B 255 17.43 -59.28 -10.55
C THR B 255 17.84 -58.10 -9.68
N LYS B 256 17.00 -57.09 -9.55
CA LYS B 256 17.40 -55.83 -8.91
C LYS B 256 17.53 -56.04 -7.40
N THR B 257 18.77 -56.16 -6.94
CA THR B 257 19.07 -56.28 -5.51
C THR B 257 19.34 -54.89 -4.95
N CYS B 258 19.94 -54.80 -3.77
CA CYS B 258 20.15 -53.52 -3.12
C CYS B 258 21.10 -52.65 -3.94
N ILE B 259 21.00 -51.34 -3.74
CA ILE B 259 21.68 -50.35 -4.54
C ILE B 259 22.66 -49.57 -3.67
N ASP B 260 23.85 -49.30 -4.22
CA ASP B 260 24.96 -48.68 -3.49
C ASP B 260 24.89 -47.16 -3.48
N THR B 261 24.50 -46.53 -4.58
CA THR B 261 24.56 -45.08 -4.71
C THR B 261 23.17 -44.46 -4.61
N LYS B 262 23.14 -43.18 -4.23
CA LYS B 262 21.88 -42.45 -4.20
C LYS B 262 21.35 -42.20 -5.60
N GLU B 263 22.24 -42.06 -6.58
CA GLU B 263 21.81 -41.93 -7.97
C GLU B 263 21.15 -43.21 -8.45
N GLY B 264 21.67 -44.36 -8.03
CA GLY B 264 21.06 -45.62 -8.41
C GLY B 264 19.70 -45.83 -7.79
N ILE B 265 19.51 -45.37 -6.55
CA ILE B 265 18.20 -45.40 -5.92
C ILE B 265 17.21 -44.56 -6.72
N LEU B 266 17.69 -43.44 -7.27
CA LEU B 266 16.84 -42.62 -8.12
C LEU B 266 16.44 -43.37 -9.38
N GLN B 267 17.38 -44.11 -9.97
CA GLN B 267 17.08 -44.89 -11.17
C GLN B 267 16.03 -45.97 -10.87
N TYR B 268 16.13 -46.62 -9.71
CA TYR B 268 15.19 -47.68 -9.39
C TYR B 268 13.80 -47.12 -9.09
N CYS B 269 13.74 -45.95 -8.45
CA CYS B 269 12.46 -45.28 -8.24
C CYS B 269 11.75 -45.03 -9.57
N GLN B 270 12.49 -44.55 -10.57
CA GLN B 270 11.89 -44.25 -11.87
C GLN B 270 11.55 -45.54 -12.62
N GLU B 271 12.30 -46.62 -12.38
CA GLU B 271 12.03 -47.87 -13.07
C GLU B 271 10.76 -48.53 -12.55
N VAL B 272 10.53 -48.47 -11.23
CA VAL B 272 9.36 -49.10 -10.66
C VAL B 272 8.11 -48.23 -10.84
N TYR B 273 8.28 -46.91 -10.90
CA TYR B 273 7.18 -45.98 -11.15
C TYR B 273 7.42 -45.26 -12.46
N PRO B 274 7.24 -45.96 -13.60
CA PRO B 274 7.57 -45.34 -14.88
C PRO B 274 6.61 -44.26 -15.30
N GLU B 275 5.39 -44.24 -14.76
CA GLU B 275 4.41 -43.21 -15.10
C GLU B 275 4.52 -41.98 -14.20
N LEU B 276 5.54 -41.92 -13.35
CA LEU B 276 5.79 -40.79 -12.48
C LEU B 276 7.07 -40.09 -12.87
N GLN B 277 7.15 -38.79 -12.61
CA GLN B 277 8.35 -38.00 -12.89
C GLN B 277 9.14 -37.90 -11.58
N ILE B 278 10.07 -38.83 -11.39
CA ILE B 278 10.87 -38.87 -10.18
C ILE B 278 12.07 -37.93 -10.34
N THR B 279 12.21 -36.98 -9.42
CA THR B 279 13.29 -36.01 -9.49
C THR B 279 14.22 -36.04 -8.29
N ASN B 280 13.87 -36.74 -7.21
CA ASN B 280 14.75 -36.82 -6.05
C ASN B 280 14.28 -37.96 -5.16
N VAL B 281 15.12 -38.31 -4.18
CA VAL B 281 14.83 -39.33 -3.20
C VAL B 281 15.22 -38.80 -1.82
N VAL B 282 14.64 -39.42 -0.79
CA VAL B 282 14.94 -39.05 0.59
C VAL B 282 14.49 -40.19 1.49
N GLU B 283 15.27 -40.46 2.54
CA GLU B 283 14.91 -41.49 3.49
C GLU B 283 13.64 -41.11 4.23
N ALA B 284 12.81 -42.11 4.52
CA ALA B 284 11.65 -41.90 5.37
C ALA B 284 12.09 -41.68 6.81
N ASN B 285 11.25 -40.96 7.56
CA ASN B 285 11.60 -40.61 8.93
C ASN B 285 11.46 -41.78 9.91
N GLN B 286 10.76 -42.84 9.51
CA GLN B 286 10.50 -43.96 10.41
C GLN B 286 10.75 -45.28 9.69
N PRO B 287 11.35 -46.26 10.37
CA PRO B 287 11.53 -47.58 9.76
C PRO B 287 10.19 -48.30 9.64
N VAL B 288 10.20 -49.36 8.83
CA VAL B 288 9.02 -50.17 8.57
C VAL B 288 9.43 -51.64 8.56
N THR B 289 8.58 -52.50 9.10
CA THR B 289 8.84 -53.93 9.14
C THR B 289 8.19 -54.58 7.92
N ILE B 290 9.01 -55.26 7.12
CA ILE B 290 8.57 -55.87 5.86
C ILE B 290 8.92 -57.35 5.90
N GLN B 291 7.91 -58.20 5.90
CA GLN B 291 8.12 -59.63 5.75
C GLN B 291 8.16 -60.00 4.27
N ASN B 292 8.44 -61.27 3.99
CA ASN B 292 8.35 -61.82 2.65
C ASN B 292 9.35 -61.18 1.69
N TRP B 293 10.62 -61.21 2.05
CA TRP B 293 11.69 -60.85 1.13
C TRP B 293 12.08 -62.06 0.28
N CYS B 294 12.54 -61.78 -0.95
CA CYS B 294 12.89 -62.83 -1.90
C CYS B 294 14.29 -62.59 -2.45
N LYS B 295 14.96 -63.69 -2.81
CA LYS B 295 16.25 -63.60 -3.46
C LYS B 295 16.08 -63.47 -4.98
N ARG B 296 17.19 -63.41 -5.70
CA ARG B 296 17.16 -63.21 -7.14
C ARG B 296 16.35 -64.30 -7.82
N GLY B 297 15.43 -63.90 -8.70
CA GLY B 297 14.56 -64.85 -9.37
C GLY B 297 13.43 -65.37 -8.51
N TRP B 298 13.11 -64.66 -7.42
CA TRP B 298 12.04 -65.06 -6.50
C TRP B 298 12.26 -66.46 -5.93
N LYS B 299 13.53 -66.87 -5.83
CA LYS B 299 13.88 -68.14 -5.22
C LYS B 299 14.15 -67.94 -3.73
N GLN B 300 13.84 -68.97 -2.95
CA GLN B 300 14.07 -68.98 -1.50
C GLN B 300 13.33 -67.84 -0.81
N CYS B 301 12.11 -67.56 -1.25
CA CYS B 301 11.27 -66.57 -0.58
C CYS B 301 10.87 -67.12 0.80
N ASN B 302 11.37 -66.47 1.85
CA ASN B 302 11.05 -66.86 3.21
C ASN B 302 10.05 -65.86 3.81
N GLY B 303 9.85 -65.94 5.11
CA GLY B 303 8.97 -65.03 5.81
C GLY B 303 9.67 -64.27 6.92
N HIS B 304 11.01 -64.26 6.89
CA HIS B 304 11.78 -63.56 7.90
C HIS B 304 11.58 -62.06 7.78
N PRO B 305 11.14 -61.37 8.83
CA PRO B 305 10.95 -59.92 8.75
C PRO B 305 12.27 -59.17 8.77
N HIS B 306 12.25 -57.99 8.17
CA HIS B 306 13.43 -57.12 8.12
C HIS B 306 12.98 -55.68 8.30
N ILE B 307 13.47 -55.04 9.35
CA ILE B 307 13.15 -53.63 9.64
C ILE B 307 14.14 -52.77 8.88
N VAL B 308 13.64 -51.98 7.93
CA VAL B 308 14.47 -51.13 7.09
C VAL B 308 13.87 -49.73 7.04
N VAL B 309 14.66 -48.79 6.55
CA VAL B 309 14.20 -47.42 6.30
C VAL B 309 13.99 -47.28 4.80
N PRO B 310 12.76 -47.14 4.33
CA PRO B 310 12.54 -47.00 2.89
C PRO B 310 12.93 -45.61 2.39
N TYR B 311 13.25 -45.56 1.10
CA TYR B 311 13.52 -44.30 0.42
C TYR B 311 12.26 -43.84 -0.30
N ARG B 312 11.84 -42.61 -0.02
CA ARG B 312 10.70 -42.01 -0.69
C ARG B 312 11.11 -41.54 -2.08
N CYS B 313 10.33 -41.91 -3.08
CA CYS B 313 10.56 -41.43 -4.45
C CYS B 313 9.81 -40.10 -4.61
N LEU B 314 10.56 -39.00 -4.59
CA LEU B 314 9.96 -37.68 -4.70
C LEU B 314 9.59 -37.38 -6.14
N VAL B 315 8.38 -36.86 -6.33
CA VAL B 315 7.79 -36.69 -7.66
C VAL B 315 7.78 -35.19 -7.99
N GLY B 316 8.20 -34.87 -9.21
CA GLY B 316 8.09 -33.53 -9.77
C GLY B 316 8.84 -32.48 -8.97
N GLU B 317 8.36 -31.25 -9.07
CA GLU B 317 8.99 -30.14 -8.36
C GLU B 317 8.87 -30.33 -6.86
N PHE B 318 9.97 -30.09 -6.15
CA PHE B 318 10.03 -30.35 -4.73
C PHE B 318 9.02 -29.51 -3.96
N VAL B 319 8.35 -30.14 -3.00
CA VAL B 319 7.38 -29.46 -2.13
C VAL B 319 7.64 -29.95 -0.72
N SER B 320 7.70 -29.01 0.23
CA SER B 320 8.00 -29.37 1.60
C SER B 320 6.85 -30.17 2.21
N ASP B 321 7.19 -31.05 3.14
CA ASP B 321 6.20 -31.86 3.82
C ASP B 321 5.32 -30.99 4.70
N ALA B 322 4.13 -31.50 5.01
CA ALA B 322 3.20 -30.87 5.95
C ALA B 322 3.38 -31.51 7.32
N LEU B 323 3.58 -30.68 8.33
CA LEU B 323 3.84 -31.16 9.69
C LEU B 323 2.66 -30.82 10.59
N LEU B 324 2.34 -31.74 11.50
CA LEU B 324 1.32 -31.49 12.51
C LEU B 324 1.92 -30.70 13.66
N VAL B 325 1.23 -29.64 14.06
CA VAL B 325 1.66 -28.81 15.18
C VAL B 325 0.54 -28.75 16.21
N PRO B 326 0.47 -29.72 17.13
CA PRO B 326 -0.60 -29.71 18.13
C PRO B 326 -0.51 -28.49 19.04
N ASP B 327 -1.54 -28.31 19.85
CA ASP B 327 -1.55 -27.20 20.79
C ASP B 327 -0.37 -27.32 21.74
N LYS B 328 0.20 -26.16 22.11
CA LYS B 328 1.37 -25.99 22.97
C LYS B 328 2.67 -26.45 22.31
N CYS B 329 2.62 -26.99 21.10
CA CYS B 329 3.82 -27.29 20.33
C CYS B 329 4.23 -26.09 19.48
N LYS B 330 5.50 -26.06 19.09
CA LYS B 330 6.06 -24.99 18.29
C LYS B 330 6.63 -25.54 17.00
N LEU B 331 6.54 -24.76 15.92
CA LEU B 331 7.13 -25.10 14.64
C LEU B 331 8.41 -24.29 14.45
N LEU B 332 9.52 -24.99 14.22
CA LEU B 332 10.80 -24.37 13.98
C LEU B 332 11.34 -24.81 12.62
N HIS B 333 12.25 -24.01 12.09
CA HIS B 333 12.88 -24.32 10.81
C HIS B 333 14.18 -23.56 10.71
N GLN B 334 15.05 -24.04 9.83
CA GLN B 334 16.40 -23.53 9.71
C GLN B 334 16.92 -23.90 8.33
N GLU B 335 17.66 -22.98 7.71
CA GLU B 335 18.23 -23.22 6.39
C GLU B 335 19.54 -22.46 6.28
N ARG B 336 20.54 -23.11 5.69
CA ARG B 336 21.91 -22.58 5.63
C ARG B 336 22.42 -22.73 4.20
N MET B 337 22.54 -21.60 3.50
CA MET B 337 22.94 -21.63 2.10
C MET B 337 24.39 -22.08 1.90
N ASP B 338 25.19 -22.14 2.97
CA ASP B 338 26.57 -22.58 2.88
C ASP B 338 26.75 -24.05 3.26
N VAL B 339 25.67 -24.81 3.34
CA VAL B 339 25.70 -26.19 3.82
C VAL B 339 24.82 -27.05 2.93
N CYS B 340 25.37 -28.16 2.43
CA CYS B 340 24.61 -29.16 1.68
C CYS B 340 24.86 -30.50 2.37
N GLU B 341 23.86 -30.99 3.11
CA GLU B 341 24.04 -32.11 4.02
C GLU B 341 22.96 -33.16 3.79
N THR B 342 23.03 -34.22 4.59
CA THR B 342 22.21 -35.41 4.41
C THR B 342 20.96 -35.35 5.28
N HIS B 343 20.06 -36.31 5.03
CA HIS B 343 18.85 -36.42 5.83
C HIS B 343 19.18 -36.71 7.30
N LEU B 344 20.18 -37.57 7.54
CA LEU B 344 20.57 -37.87 8.92
C LEU B 344 21.11 -36.65 9.61
N HIS B 345 21.85 -35.80 8.88
CA HIS B 345 22.40 -34.59 9.48
C HIS B 345 21.30 -33.68 10.01
N TRP B 346 20.29 -33.40 9.18
CA TRP B 346 19.23 -32.48 9.60
C TRP B 346 18.35 -33.08 10.69
N HIS B 347 18.25 -34.42 10.74
CA HIS B 347 17.53 -35.05 11.85
C HIS B 347 18.24 -34.77 13.17
N THR B 348 19.56 -34.95 13.19
CA THR B 348 20.32 -34.61 14.39
C THR B 348 20.14 -33.14 14.75
N VAL B 349 20.12 -32.26 13.74
CA VAL B 349 19.92 -30.84 14.00
C VAL B 349 18.56 -30.60 14.66
N ALA B 350 17.51 -31.20 14.10
CA ALA B 350 16.17 -31.01 14.67
C ALA B 350 16.07 -31.64 16.05
N LYS B 351 16.64 -32.83 16.24
CA LYS B 351 16.54 -33.50 17.53
C LYS B 351 17.29 -32.73 18.62
N GLU B 352 18.50 -32.25 18.30
CA GLU B 352 19.27 -31.49 19.28
C GLU B 352 18.64 -30.14 19.56
N SER B 353 18.00 -29.51 18.56
CA SER B 353 17.42 -28.20 18.76
C SER B 353 16.23 -28.27 19.73
N CYS B 354 15.41 -29.31 19.63
CA CYS B 354 14.31 -29.46 20.58
C CYS B 354 14.83 -29.78 21.98
N SER B 355 16.01 -30.42 22.08
CA SER B 355 16.56 -30.73 23.40
C SER B 355 17.02 -29.47 24.12
N GLU B 356 17.61 -28.52 23.39
CA GLU B 356 18.06 -27.28 24.02
C GLU B 356 16.90 -26.53 24.66
N LYS B 357 15.68 -26.75 24.18
CA LYS B 357 14.49 -26.16 24.76
C LYS B 357 13.73 -27.14 25.66
N SER B 358 14.33 -28.29 25.97
CA SER B 358 13.73 -29.31 26.82
C SER B 358 12.40 -29.79 26.25
N MET B 359 12.39 -30.06 24.94
CA MET B 359 11.21 -30.54 24.24
C MET B 359 11.58 -31.73 23.37
N ASN B 360 10.57 -32.47 22.94
CA ASN B 360 10.74 -33.65 22.11
C ASN B 360 10.49 -33.31 20.64
N LEU B 361 11.13 -34.07 19.75
CA LEU B 361 10.94 -33.92 18.32
C LEU B 361 9.74 -34.77 17.89
N HIS B 362 8.74 -34.14 17.30
CA HIS B 362 7.49 -34.80 16.96
C HIS B 362 7.33 -35.07 15.48
N ASP B 363 7.90 -34.24 14.60
CA ASP B 363 7.75 -34.39 13.17
C ASP B 363 8.72 -33.44 12.49
N TYR B 364 9.29 -33.88 11.36
CA TYR B 364 10.26 -33.03 10.67
C TYR B 364 10.30 -33.38 9.20
N GLY B 365 10.79 -32.42 8.41
CA GLY B 365 10.99 -32.64 6.98
C GLY B 365 12.14 -31.81 6.48
N MET B 366 12.61 -32.18 5.29
CA MET B 366 13.74 -31.51 4.66
C MET B 366 13.30 -30.23 3.95
N LEU B 367 14.24 -29.31 3.79
CA LEU B 367 14.03 -28.09 3.03
C LEU B 367 15.18 -27.88 2.07
N LEU B 368 14.90 -27.19 0.96
CA LEU B 368 15.90 -26.72 0.02
C LEU B 368 16.84 -27.82 -0.44
N PRO B 369 16.43 -28.67 -1.38
CA PRO B 369 17.36 -29.67 -1.91
C PRO B 369 18.50 -29.01 -2.66
N CYS B 370 19.71 -29.57 -2.48
CA CYS B 370 20.89 -29.12 -3.18
C CYS B 370 21.54 -30.24 -3.98
N GLY B 371 20.89 -31.39 -4.05
CA GLY B 371 21.43 -32.53 -4.76
C GLY B 371 20.54 -33.73 -4.53
N ILE B 372 21.01 -34.89 -5.01
CA ILE B 372 20.25 -36.12 -4.85
C ILE B 372 20.37 -36.55 -3.39
N ASP B 373 19.24 -36.48 -2.67
CA ASP B 373 19.20 -36.77 -1.24
C ASP B 373 20.14 -35.86 -0.45
N LYS B 374 20.19 -34.58 -0.87
CA LYS B 374 21.01 -33.58 -0.21
C LYS B 374 20.18 -32.32 -0.03
N PHE B 375 20.24 -31.71 1.15
CA PHE B 375 19.36 -30.60 1.48
C PHE B 375 20.14 -29.53 2.25
N ARG B 376 19.63 -28.30 2.17
CA ARG B 376 20.25 -27.16 2.83
C ARG B 376 19.50 -26.70 4.07
N GLY B 377 18.44 -27.41 4.48
CA GLY B 377 17.70 -26.95 5.64
C GLY B 377 16.76 -28.02 6.14
N VAL B 378 16.04 -27.67 7.21
CA VAL B 378 15.14 -28.60 7.87
C VAL B 378 14.00 -27.81 8.50
N GLU B 379 12.81 -28.42 8.49
CA GLU B 379 11.65 -27.93 9.23
C GLU B 379 11.25 -28.99 10.23
N PHE B 380 10.87 -28.57 11.44
CA PHE B 380 10.58 -29.54 12.48
C PHE B 380 9.66 -28.93 13.53
N VAL B 381 9.06 -29.80 14.34
CA VAL B 381 8.11 -29.43 15.36
C VAL B 381 8.59 -29.98 16.71
N CYS B 382 8.68 -29.11 17.71
CA CYS B 382 9.02 -29.51 19.06
C CYS B 382 7.77 -29.47 19.93
N CYS B 383 7.66 -30.42 20.86
CA CYS B 383 6.52 -30.51 21.75
C CYS B 383 7.00 -30.79 23.17
N PRO B 384 6.24 -30.35 24.19
CA PRO B 384 6.61 -30.65 25.57
C PRO B 384 6.48 -32.11 25.92
N LEU B 385 6.84 -32.47 27.14
CA LEU B 385 6.80 -33.84 27.62
C LEU B 385 5.71 -34.01 28.66
N ALA B 386 5.46 -35.25 29.05
CA ALA B 386 4.46 -35.55 30.06
C ALA B 386 5.10 -35.67 31.43
#